data_6R89
#
_entry.id   6R89
#
_cell.length_a   97.661
_cell.length_b   98.544
_cell.length_c   114.154
_cell.angle_alpha   90.000
_cell.angle_beta   90.000
_cell.angle_gamma   90.000
#
_symmetry.space_group_name_H-M   'P 21 21 21'
#
loop_
_entity.id
_entity.type
_entity.pdbx_description
1 polymer 'Glutamate receptor 3.3,Glutamate receptor 3.3'
2 non-polymer CYSTEINE
3 non-polymer 'SODIUM ION'
4 non-polymer GLYCEROL
5 non-polymer 'CHLORIDE ION'
6 water water
#
_entity_poly.entity_id   1
_entity_poly.type   'polypeptide(L)'
_entity_poly.pdbx_seq_one_letter_code
;GPMGKELKIGVPLRVSYKEFVSQIRGTENMFKGFCIDVFTAAVNLLPYAVPVKFIPYGNGKENPSYTHMVEMITTGNFDG
VVGDVAIVTNRTKIVDFTQPYAASGLVVVAPGGTPIKGIESLRERDDPIGYQVGSFAESYLRNELNISESRLVPLGTPEA
YAKALKDGPSKGGVAAIVDERPYVELFLSSNCAYRIVGQEFTKSGWGFAFPRDSPLAIDLSTAILELAENGDLQRIHDKW
LMKNACT
;
_entity_poly.pdbx_strand_id   A,B,C,D
#
# COMPACT_ATOMS: atom_id res chain seq x y z
N GLU A 6 -13.25 -22.07 -7.17
CA GLU A 6 -12.56 -20.72 -7.17
C GLU A 6 -11.03 -20.90 -7.08
N LEU A 7 -10.30 -20.71 -8.18
CA LEU A 7 -8.81 -20.82 -8.23
C LEU A 7 -8.16 -19.68 -7.43
N LYS A 8 -7.28 -20.01 -6.49
CA LYS A 8 -6.36 -19.06 -5.81
C LYS A 8 -5.21 -18.77 -6.78
N ILE A 9 -5.18 -17.57 -7.36
CA ILE A 9 -4.17 -17.20 -8.38
C ILE A 9 -3.22 -16.18 -7.77
N GLY A 10 -1.97 -16.59 -7.55
CA GLY A 10 -0.88 -15.69 -7.12
C GLY A 10 -0.61 -14.61 -8.16
N VAL A 11 -0.47 -13.37 -7.72
CA VAL A 11 -0.10 -12.25 -8.62
C VAL A 11 1.07 -11.55 -7.94
N PRO A 12 2.16 -11.22 -8.65
CA PRO A 12 3.29 -10.54 -8.02
C PRO A 12 2.89 -9.11 -7.63
N LEU A 13 3.26 -8.75 -6.42
CA LEU A 13 3.02 -7.41 -5.83
C LEU A 13 4.17 -6.50 -6.27
N ARG A 14 4.12 -6.04 -7.51
CA ARG A 14 5.17 -5.17 -8.12
C ARG A 14 5.16 -3.81 -7.42
N VAL A 15 6.35 -3.26 -7.12
CA VAL A 15 6.55 -1.86 -6.64
C VAL A 15 6.98 -0.95 -7.81
N SER A 16 7.30 -1.49 -8.99
CA SER A 16 7.82 -0.72 -10.16
C SER A 16 7.25 -1.28 -11.45
N TYR A 17 7.40 -0.56 -12.55
CA TYR A 17 6.90 -0.95 -13.89
C TYR A 17 5.49 -1.52 -13.73
N LYS A 18 4.64 -0.78 -13.02
CA LYS A 18 3.27 -1.21 -12.65
C LYS A 18 2.33 -1.28 -13.87
N GLU A 19 2.75 -0.77 -15.03
CA GLU A 19 1.99 -0.91 -16.30
C GLU A 19 1.70 -2.40 -16.56
N PHE A 20 2.59 -3.30 -16.16
CA PHE A 20 2.50 -4.74 -16.44
C PHE A 20 1.46 -5.39 -15.53
N VAL A 21 1.55 -5.07 -14.24
CA VAL A 21 0.58 -5.56 -13.24
C VAL A 21 0.84 -4.81 -11.94
N SER A 22 -0.22 -4.41 -11.24
CA SER A 22 -0.15 -3.74 -9.92
C SER A 22 -1.43 -4.03 -9.15
N GLN A 23 -1.29 -4.13 -7.82
CA GLN A 23 -2.41 -4.14 -6.87
C GLN A 23 -3.06 -2.77 -6.88
N ILE A 24 -4.37 -2.70 -7.14
CA ILE A 24 -5.19 -1.45 -7.06
C ILE A 24 -5.14 -0.96 -5.62
N ARG A 25 -4.84 0.33 -5.39
CA ARG A 25 -4.53 0.89 -4.04
C ARG A 25 -5.79 0.83 -3.15
N GLY A 26 -5.60 0.41 -1.90
CA GLY A 26 -6.66 0.22 -0.89
C GLY A 26 -7.38 -1.12 -1.01
N THR A 27 -6.88 -2.07 -1.83
CA THR A 27 -7.46 -3.43 -1.99
C THR A 27 -6.40 -4.49 -1.73
N GLU A 28 -6.85 -5.70 -1.38
CA GLU A 28 -6.00 -6.91 -1.19
C GLU A 28 -5.95 -7.67 -2.52
N ASN A 29 -7.11 -7.85 -3.17
CA ASN A 29 -7.32 -8.91 -4.17
C ASN A 29 -7.58 -8.34 -5.56
N MET A 30 -7.53 -7.02 -5.72
CA MET A 30 -7.90 -6.37 -7.00
C MET A 30 -6.62 -5.88 -7.68
N PHE A 31 -6.45 -6.25 -8.95
CA PHE A 31 -5.24 -5.94 -9.74
C PHE A 31 -5.63 -5.35 -11.09
N LYS A 32 -4.68 -4.66 -11.71
CA LYS A 32 -4.83 -4.10 -13.06
C LYS A 32 -3.48 -4.16 -13.76
N GLY A 33 -3.49 -3.98 -15.08
CA GLY A 33 -2.29 -3.89 -15.92
C GLY A 33 -2.40 -4.75 -17.17
N PHE A 34 -1.39 -4.63 -18.03
CA PHE A 34 -1.25 -5.40 -19.28
C PHE A 34 -1.58 -6.88 -19.04
N CYS A 35 -0.84 -7.51 -18.11
CA CYS A 35 -0.89 -8.97 -17.83
C CYS A 35 -2.29 -9.35 -17.33
N ILE A 36 -2.90 -8.55 -16.46
CA ILE A 36 -4.27 -8.82 -15.98
C ILE A 36 -5.23 -8.77 -17.17
N ASP A 37 -5.14 -7.76 -18.01
CA ASP A 37 -6.04 -7.61 -19.18
C ASP A 37 -5.91 -8.83 -20.12
N VAL A 38 -4.69 -9.24 -20.43
CA VAL A 38 -4.47 -10.41 -21.34
C VAL A 38 -5.10 -11.64 -20.67
N PHE A 39 -4.89 -11.84 -19.36
CA PHE A 39 -5.39 -13.03 -18.64
C PHE A 39 -6.91 -13.05 -18.76
N THR A 40 -7.52 -11.94 -18.37
CA THR A 40 -8.98 -11.74 -18.41
C THR A 40 -9.49 -12.01 -19.83
N ALA A 41 -8.92 -11.40 -20.85
CA ALA A 41 -9.41 -11.55 -22.24
C ALA A 41 -9.33 -13.04 -22.64
N ALA A 42 -8.26 -13.73 -22.26
CA ALA A 42 -8.02 -15.15 -22.58
C ALA A 42 -9.08 -16.01 -21.89
N VAL A 43 -9.24 -15.86 -20.57
CA VAL A 43 -10.23 -16.67 -19.78
C VAL A 43 -11.63 -16.51 -20.40
N ASN A 44 -12.01 -15.29 -20.77
CA ASN A 44 -13.34 -14.99 -21.35
C ASN A 44 -13.51 -15.78 -22.67
N LEU A 45 -12.43 -16.12 -23.37
CA LEU A 45 -12.55 -16.93 -24.62
C LEU A 45 -12.73 -18.43 -24.31
N LEU A 46 -12.63 -18.86 -23.06
CA LEU A 46 -12.86 -20.29 -22.71
C LEU A 46 -14.35 -20.58 -22.68
N PRO A 47 -14.77 -21.81 -23.04
CA PRO A 47 -16.19 -22.19 -23.07
C PRO A 47 -16.73 -22.75 -21.75
N TYR A 48 -15.92 -22.66 -20.69
CA TYR A 48 -16.31 -22.97 -19.30
C TYR A 48 -15.94 -21.76 -18.41
N ALA A 49 -16.63 -21.61 -17.28
CA ALA A 49 -16.30 -20.57 -16.27
C ALA A 49 -14.99 -20.93 -15.58
N VAL A 50 -14.18 -19.93 -15.25
CA VAL A 50 -12.97 -20.06 -14.40
C VAL A 50 -13.03 -18.99 -13.33
N PRO A 51 -13.71 -19.26 -12.20
CA PRO A 51 -13.74 -18.32 -11.09
C PRO A 51 -12.33 -18.20 -10.48
N VAL A 52 -11.93 -16.99 -10.15
CA VAL A 52 -10.55 -16.63 -9.75
C VAL A 52 -10.60 -15.71 -8.53
N LYS A 53 -9.69 -15.92 -7.59
CA LYS A 53 -9.34 -14.95 -6.53
C LYS A 53 -7.85 -14.64 -6.76
N PHE A 54 -7.53 -13.38 -7.01
CA PHE A 54 -6.12 -12.90 -7.09
C PHE A 54 -5.58 -12.78 -5.68
N ILE A 55 -4.42 -13.37 -5.42
CA ILE A 55 -3.72 -13.37 -4.09
C ILE A 55 -2.36 -12.70 -4.28
N PRO A 56 -2.10 -11.56 -3.60
CA PRO A 56 -0.84 -10.84 -3.76
C PRO A 56 0.31 -11.69 -3.19
N TYR A 57 1.41 -11.78 -3.94
CA TYR A 57 2.66 -12.42 -3.52
C TYR A 57 3.77 -11.36 -3.47
N GLY A 58 4.32 -11.16 -2.28
CA GLY A 58 5.36 -10.14 -1.98
C GLY A 58 5.14 -9.46 -0.63
N ASN A 59 6.19 -8.83 -0.11
CA ASN A 59 6.13 -8.02 1.14
C ASN A 59 5.61 -6.59 0.82
N GLY A 60 5.45 -6.23 -0.46
CA GLY A 60 5.00 -4.87 -0.84
C GLY A 60 6.09 -3.80 -0.68
N LYS A 61 7.31 -4.17 -0.27
CA LYS A 61 8.43 -3.22 -0.11
C LYS A 61 9.35 -3.32 -1.34
N GLU A 62 9.55 -4.52 -1.89
CA GLU A 62 10.39 -4.78 -3.10
C GLU A 62 9.70 -5.84 -3.95
N ASN A 63 9.98 -5.87 -5.26
CA ASN A 63 9.50 -6.94 -6.17
C ASN A 63 9.86 -8.28 -5.52
N PRO A 64 8.92 -9.25 -5.53
CA PRO A 64 9.20 -10.60 -5.01
C PRO A 64 10.03 -11.46 -5.97
N SER A 65 10.67 -12.52 -5.44
CA SER A 65 11.30 -13.62 -6.22
C SER A 65 10.21 -14.30 -7.06
N TYR A 66 10.24 -14.10 -8.39
CA TYR A 66 9.27 -14.68 -9.35
C TYR A 66 9.37 -16.22 -9.34
N THR A 67 10.58 -16.77 -9.17
CA THR A 67 10.80 -18.23 -9.08
C THR A 67 10.12 -18.75 -7.82
N HIS A 68 10.32 -18.09 -6.67
CA HIS A 68 9.67 -18.52 -5.39
C HIS A 68 8.15 -18.41 -5.54
N MET A 69 7.67 -17.40 -6.28
CA MET A 69 6.23 -17.21 -6.56
C MET A 69 5.64 -18.43 -7.29
N VAL A 70 6.31 -18.85 -8.36
CA VAL A 70 5.87 -20.02 -9.16
C VAL A 70 5.97 -21.28 -8.28
N GLU A 71 6.98 -21.37 -7.40
CA GLU A 71 7.18 -22.52 -6.50
C GLU A 71 5.96 -22.71 -5.57
N MET A 72 5.20 -21.66 -5.32
CA MET A 72 3.98 -21.72 -4.45
C MET A 72 2.88 -22.51 -5.14
N ILE A 73 2.96 -22.73 -6.47
CA ILE A 73 2.01 -23.64 -7.17
C ILE A 73 2.34 -25.07 -6.73
N THR A 74 3.62 -25.42 -6.61
CA THR A 74 4.05 -26.83 -6.36
C THR A 74 3.62 -27.24 -4.94
N THR A 75 3.68 -26.34 -3.98
CA THR A 75 3.25 -26.63 -2.59
C THR A 75 1.73 -26.62 -2.48
N GLY A 76 1.00 -26.16 -3.49
CA GLY A 76 -0.47 -26.05 -3.47
C GLY A 76 -1.01 -24.76 -2.86
N ASN A 77 -0.15 -23.80 -2.48
CA ASN A 77 -0.58 -22.46 -1.98
C ASN A 77 -1.37 -21.72 -3.08
N PHE A 78 -0.96 -21.82 -4.33
CA PHE A 78 -1.69 -21.25 -5.49
C PHE A 78 -2.11 -22.37 -6.44
N ASP A 79 -3.24 -22.13 -7.12
CA ASP A 79 -3.74 -22.96 -8.26
C ASP A 79 -3.13 -22.47 -9.59
N GLY A 80 -2.49 -21.29 -9.56
CA GLY A 80 -1.92 -20.62 -10.75
C GLY A 80 -1.24 -19.32 -10.36
N VAL A 81 -0.36 -18.83 -11.24
CA VAL A 81 0.29 -17.50 -11.11
C VAL A 81 0.07 -16.75 -12.43
N VAL A 82 -0.49 -15.55 -12.30
CA VAL A 82 -0.74 -14.59 -13.42
C VAL A 82 0.09 -13.32 -13.19
N GLY A 83 0.97 -13.02 -14.12
CA GLY A 83 1.86 -11.84 -14.07
C GLY A 83 2.89 -11.87 -15.17
N ASP A 84 3.86 -10.97 -15.08
CA ASP A 84 4.97 -10.76 -16.05
C ASP A 84 6.05 -11.83 -15.81
N VAL A 85 5.70 -13.12 -15.91
CA VAL A 85 6.53 -14.27 -15.43
C VAL A 85 7.25 -14.94 -16.61
N ALA A 86 8.58 -14.81 -16.67
CA ALA A 86 9.42 -15.38 -17.74
C ALA A 86 9.34 -16.92 -17.72
N ILE A 87 9.13 -17.51 -18.89
CA ILE A 87 9.05 -18.99 -19.09
C ILE A 87 10.47 -19.53 -19.27
N VAL A 88 11.15 -19.81 -18.15
CA VAL A 88 12.58 -20.19 -18.10
C VAL A 88 12.66 -21.60 -17.50
N THR A 89 13.72 -22.35 -17.83
CA THR A 89 13.84 -23.82 -17.67
C THR A 89 13.57 -24.21 -16.20
N ASN A 90 14.15 -23.52 -15.22
CA ASN A 90 14.03 -23.90 -13.79
C ASN A 90 12.58 -23.77 -13.34
N ARG A 91 11.73 -23.06 -14.08
CA ARG A 91 10.30 -22.93 -13.69
C ARG A 91 9.48 -23.94 -14.49
N THR A 92 9.81 -24.16 -15.75
CA THR A 92 9.04 -25.06 -16.66
C THR A 92 9.16 -26.50 -16.18
N LYS A 93 10.21 -26.79 -15.40
CA LYS A 93 10.45 -28.17 -14.91
C LYS A 93 9.51 -28.49 -13.74
N ILE A 94 8.88 -27.50 -13.12
CA ILE A 94 8.08 -27.72 -11.86
C ILE A 94 6.61 -27.32 -12.05
N VAL A 95 6.30 -26.50 -13.06
CA VAL A 95 4.90 -26.07 -13.36
C VAL A 95 4.74 -26.02 -14.87
N ASP A 96 3.51 -25.98 -15.37
CA ASP A 96 3.19 -25.85 -16.82
C ASP A 96 2.79 -24.41 -17.11
N PHE A 97 3.43 -23.81 -18.11
CA PHE A 97 3.17 -22.44 -18.59
C PHE A 97 2.22 -22.55 -19.78
N THR A 98 1.43 -21.52 -20.02
CA THR A 98 0.87 -21.25 -21.37
C THR A 98 2.04 -21.06 -22.32
N GLN A 99 1.79 -21.08 -23.62
CA GLN A 99 2.66 -20.38 -24.60
C GLN A 99 2.72 -18.89 -24.24
N PRO A 100 3.82 -18.21 -24.61
CA PRO A 100 3.96 -16.79 -24.28
C PRO A 100 2.81 -15.97 -24.86
N TYR A 101 2.28 -15.03 -24.07
CA TYR A 101 1.32 -13.99 -24.48
C TYR A 101 2.07 -12.70 -24.78
N ALA A 102 3.36 -12.63 -24.46
CA ALA A 102 4.24 -11.46 -24.67
C ALA A 102 5.66 -11.94 -24.90
N ALA A 103 6.35 -11.29 -25.83
CA ALA A 103 7.77 -11.53 -26.17
C ALA A 103 8.61 -10.80 -25.13
N SER A 104 9.67 -11.45 -24.69
CA SER A 104 10.66 -10.90 -23.75
C SER A 104 12.01 -11.55 -24.06
N GLY A 105 13.03 -11.21 -23.29
CA GLY A 105 14.42 -11.58 -23.56
C GLY A 105 15.38 -10.57 -22.99
N LEU A 106 16.51 -11.04 -22.48
CA LEU A 106 17.50 -10.16 -21.83
C LEU A 106 18.24 -9.30 -22.87
N VAL A 107 18.47 -8.05 -22.49
CA VAL A 107 19.29 -7.06 -23.23
C VAL A 107 20.24 -6.45 -22.22
N VAL A 108 21.33 -5.86 -22.71
CA VAL A 108 22.26 -5.02 -21.91
C VAL A 108 21.85 -3.54 -22.09
N VAL A 109 21.71 -2.80 -20.99
CA VAL A 109 21.49 -1.32 -21.03
C VAL A 109 22.73 -0.64 -20.46
N ALA A 110 23.22 0.37 -21.16
CA ALA A 110 24.42 1.12 -20.75
C ALA A 110 24.36 2.54 -21.31
N PRO A 111 25.22 3.46 -20.82
CA PRO A 111 25.46 4.73 -21.50
C PRO A 111 26.12 4.47 -22.85
N GLY A 112 25.95 5.39 -23.80
CA GLY A 112 26.59 5.32 -25.13
C GLY A 112 28.11 5.43 -25.04
N GLY A 113 28.82 4.71 -25.90
CA GLY A 113 30.27 4.85 -26.09
C GLY A 113 31.07 4.51 -24.84
N THR A 114 30.69 3.47 -24.12
CA THR A 114 31.51 2.84 -23.06
C THR A 114 32.21 1.62 -23.69
N PRO A 115 33.12 0.94 -22.96
CA PRO A 115 33.59 -0.39 -23.36
C PRO A 115 32.49 -1.46 -23.49
N ILE A 116 31.29 -1.23 -22.95
CA ILE A 116 30.15 -2.19 -23.02
C ILE A 116 29.48 -2.06 -24.40
N LYS A 117 29.67 -3.07 -25.27
CA LYS A 117 29.08 -3.14 -26.63
C LYS A 117 27.98 -4.19 -26.65
N GLY A 118 27.88 -4.99 -25.59
CA GLY A 118 26.90 -6.08 -25.53
C GLY A 118 27.25 -7.06 -24.42
N ILE A 119 26.57 -8.21 -24.39
CA ILE A 119 26.68 -9.16 -23.26
C ILE A 119 28.11 -9.70 -23.21
N GLU A 120 28.72 -10.01 -24.37
CA GLU A 120 30.08 -10.62 -24.42
C GLU A 120 31.09 -9.67 -23.77
N SER A 121 31.15 -8.39 -24.18
CA SER A 121 32.02 -7.35 -23.54
C SER A 121 31.81 -7.37 -22.02
N LEU A 122 30.58 -7.53 -21.57
CA LEU A 122 30.24 -7.51 -20.11
C LEU A 122 30.91 -8.69 -19.40
N ARG A 123 30.99 -9.85 -20.07
CA ARG A 123 31.55 -11.10 -19.49
C ARG A 123 33.07 -11.00 -19.41
N GLU A 124 33.71 -10.43 -20.44
CA GLU A 124 35.19 -10.27 -20.52
C GLU A 124 35.69 -9.29 -19.46
N ARG A 125 34.83 -8.40 -18.97
CA ARG A 125 35.16 -7.36 -17.96
C ARG A 125 34.74 -7.85 -16.57
N ASP A 126 35.01 -7.05 -15.54
CA ASP A 126 34.81 -7.36 -14.10
C ASP A 126 34.08 -6.18 -13.43
N ASP A 127 33.38 -5.39 -14.24
CA ASP A 127 32.53 -4.25 -13.82
C ASP A 127 31.30 -4.77 -13.06
N PRO A 128 30.74 -4.03 -12.07
CA PRO A 128 29.44 -4.39 -11.49
C PRO A 128 28.28 -4.27 -12.50
N ILE A 129 27.36 -5.24 -12.45
CA ILE A 129 26.19 -5.37 -13.38
C ILE A 129 24.91 -5.22 -12.55
N GLY A 130 24.02 -4.29 -12.97
CA GLY A 130 22.65 -4.19 -12.45
C GLY A 130 21.76 -5.31 -13.02
N TYR A 131 20.87 -5.85 -12.19
CA TYR A 131 19.70 -6.67 -12.60
C TYR A 131 18.47 -6.27 -11.75
N GLN A 132 17.29 -6.67 -12.21
CA GLN A 132 16.03 -6.32 -11.52
C GLN A 132 15.84 -7.26 -10.32
N VAL A 133 15.60 -6.67 -9.16
CA VAL A 133 15.25 -7.39 -7.92
C VAL A 133 14.20 -8.45 -8.30
N GLY A 134 14.46 -9.70 -7.94
CA GLY A 134 13.49 -10.80 -8.00
C GLY A 134 13.46 -11.48 -9.35
N SER A 135 14.25 -11.01 -10.32
CA SER A 135 14.31 -11.55 -11.70
C SER A 135 15.05 -12.88 -11.73
N PHE A 136 14.68 -13.76 -12.66
CA PHE A 136 15.50 -14.93 -13.03
C PHE A 136 16.88 -14.47 -13.54
N ALA A 137 16.98 -13.24 -14.05
CA ALA A 137 18.20 -12.70 -14.70
C ALA A 137 19.41 -12.91 -13.79
N GLU A 138 19.22 -12.77 -12.48
CA GLU A 138 20.29 -12.94 -11.45
C GLU A 138 20.90 -14.34 -11.63
N SER A 139 20.05 -15.36 -11.70
CA SER A 139 20.39 -16.80 -11.82
C SER A 139 21.00 -17.10 -13.20
N TYR A 140 20.48 -16.54 -14.29
CA TYR A 140 21.05 -16.72 -15.66
C TYR A 140 22.48 -16.19 -15.65
N LEU A 141 22.73 -15.06 -14.99
CA LEU A 141 24.05 -14.40 -15.06
C LEU A 141 25.05 -15.28 -14.31
N ARG A 142 24.73 -15.71 -13.09
CA ARG A 142 25.61 -16.56 -12.24
C ARG A 142 25.87 -17.89 -12.95
N ASN A 143 24.81 -18.60 -13.35
CA ASN A 143 24.89 -20.05 -13.64
C ASN A 143 25.22 -20.25 -15.11
N GLU A 144 24.45 -19.62 -16.00
CA GLU A 144 24.59 -19.87 -17.44
C GLU A 144 25.83 -19.14 -17.96
N LEU A 145 26.07 -17.90 -17.53
CA LEU A 145 27.18 -17.04 -18.07
C LEU A 145 28.35 -17.03 -17.08
N ASN A 146 28.21 -17.67 -15.93
CA ASN A 146 29.31 -17.85 -14.95
C ASN A 146 29.87 -16.49 -14.55
N ILE A 147 29.03 -15.46 -14.47
CA ILE A 147 29.41 -14.14 -13.91
C ILE A 147 29.43 -14.25 -12.38
N SER A 148 30.45 -13.64 -11.76
CA SER A 148 30.69 -13.65 -10.29
C SER A 148 29.51 -13.01 -9.54
N GLU A 149 29.07 -13.59 -8.42
CA GLU A 149 27.96 -13.08 -7.56
C GLU A 149 28.32 -11.67 -7.08
N SER A 150 29.60 -11.42 -6.80
CA SER A 150 30.07 -10.15 -6.17
C SER A 150 29.83 -8.98 -7.12
N ARG A 151 29.85 -9.19 -8.44
CA ARG A 151 29.54 -8.15 -9.47
C ARG A 151 28.04 -7.79 -9.57
N LEU A 152 27.12 -8.60 -9.04
CA LEU A 152 25.66 -8.43 -9.32
C LEU A 152 24.99 -7.49 -8.30
N VAL A 153 24.34 -6.43 -8.80
CA VAL A 153 23.72 -5.37 -7.98
C VAL A 153 22.22 -5.37 -8.25
N PRO A 154 21.39 -5.79 -7.25
CA PRO A 154 19.95 -5.74 -7.41
C PRO A 154 19.46 -4.27 -7.37
N LEU A 155 18.60 -3.89 -8.33
CA LEU A 155 17.94 -2.56 -8.45
C LEU A 155 16.41 -2.75 -8.57
N GLY A 156 15.63 -1.98 -7.81
CA GLY A 156 14.19 -2.22 -7.62
C GLY A 156 13.28 -1.46 -8.59
N THR A 157 13.75 -0.36 -9.18
CA THR A 157 12.92 0.67 -9.88
C THR A 157 13.70 1.37 -10.99
N PRO A 158 13.02 2.04 -11.95
CA PRO A 158 13.73 2.82 -12.97
C PRO A 158 14.57 3.96 -12.36
N GLU A 159 14.12 4.60 -11.27
CA GLU A 159 14.93 5.61 -10.55
C GLU A 159 16.27 4.97 -10.14
N ALA A 160 16.22 3.81 -9.50
CA ALA A 160 17.44 3.11 -9.03
C ALA A 160 18.33 2.74 -10.22
N TYR A 161 17.73 2.25 -11.32
CA TYR A 161 18.44 1.94 -12.59
C TYR A 161 19.27 3.17 -12.98
N ALA A 162 18.58 4.31 -13.11
CA ALA A 162 19.14 5.59 -13.62
C ALA A 162 20.25 6.05 -12.68
N LYS A 163 20.02 6.00 -11.37
CA LYS A 163 21.06 6.38 -10.38
C LYS A 163 22.27 5.46 -10.53
N ALA A 164 22.07 4.14 -10.60
CA ALA A 164 23.18 3.16 -10.71
C ALA A 164 23.99 3.44 -11.98
N LEU A 165 23.33 3.75 -13.11
CA LEU A 165 24.05 3.97 -14.39
C LEU A 165 24.79 5.32 -14.34
N LYS A 166 24.16 6.36 -13.78
CA LYS A 166 24.75 7.72 -13.61
C LYS A 166 25.99 7.62 -12.72
N ASP A 167 25.87 7.05 -11.50
CA ASP A 167 27.01 6.93 -10.54
C ASP A 167 28.14 6.12 -11.18
N GLY A 168 27.80 5.10 -11.97
CA GLY A 168 28.79 4.19 -12.59
C GLY A 168 29.51 3.31 -11.57
N PRO A 169 30.50 2.49 -12.02
CA PRO A 169 31.21 1.56 -11.14
C PRO A 169 32.03 2.20 -10.00
N SER A 170 32.65 3.36 -10.29
CA SER A 170 33.52 4.16 -9.39
C SER A 170 32.79 4.57 -8.11
N LYS A 171 31.50 4.90 -8.21
CA LYS A 171 30.70 5.56 -7.12
C LYS A 171 29.58 4.63 -6.62
N GLY A 172 29.75 3.31 -6.70
CA GLY A 172 28.81 2.35 -6.08
C GLY A 172 27.62 2.05 -6.98
N GLY A 173 27.71 2.38 -8.27
CA GLY A 173 26.72 2.06 -9.31
C GLY A 173 27.21 0.94 -10.20
N VAL A 174 26.89 1.01 -11.50
CA VAL A 174 27.05 -0.15 -12.43
C VAL A 174 27.51 0.37 -13.79
N ALA A 175 28.24 -0.46 -14.54
CA ALA A 175 28.64 -0.19 -15.94
C ALA A 175 27.46 -0.42 -16.85
N ALA A 176 26.56 -1.34 -16.46
CA ALA A 176 25.38 -1.72 -17.27
C ALA A 176 24.37 -2.50 -16.41
N ILE A 177 23.14 -2.57 -16.90
CA ILE A 177 22.05 -3.36 -16.30
C ILE A 177 21.67 -4.42 -17.31
N VAL A 178 21.39 -5.64 -16.83
CA VAL A 178 20.81 -6.74 -17.63
C VAL A 178 19.39 -6.97 -17.14
N ASP A 179 18.43 -6.83 -18.04
CA ASP A 179 17.01 -7.02 -17.70
C ASP A 179 16.20 -7.31 -18.96
N GLU A 180 14.99 -7.81 -18.76
CA GLU A 180 14.11 -8.18 -19.90
C GLU A 180 13.72 -6.91 -20.66
N ARG A 181 13.63 -7.02 -21.97
CA ARG A 181 13.35 -5.89 -22.88
C ARG A 181 12.13 -5.09 -22.41
N PRO A 182 10.99 -5.71 -22.03
CA PRO A 182 9.81 -4.92 -21.74
C PRO A 182 10.07 -3.87 -20.66
N TYR A 183 10.77 -4.21 -19.57
CA TYR A 183 11.06 -3.24 -18.48
C TYR A 183 12.05 -2.19 -19.00
N VAL A 184 13.02 -2.62 -19.80
CA VAL A 184 14.06 -1.73 -20.38
C VAL A 184 13.40 -0.71 -21.31
N GLU A 185 12.39 -1.09 -22.09
CA GLU A 185 11.72 -0.13 -23.01
C GLU A 185 11.00 0.95 -22.19
N LEU A 186 10.33 0.59 -21.08
CA LEU A 186 9.66 1.57 -20.18
C LEU A 186 10.72 2.49 -19.57
N PHE A 187 11.84 1.89 -19.16
CA PHE A 187 12.94 2.60 -18.46
C PHE A 187 13.49 3.70 -19.36
N LEU A 188 13.71 3.36 -20.63
CA LEU A 188 14.45 4.22 -21.58
C LEU A 188 13.53 5.37 -22.01
N SER A 189 12.23 5.11 -22.14
CA SER A 189 11.27 6.14 -22.62
C SER A 189 11.29 7.34 -21.65
N SER A 190 11.77 7.17 -20.41
CA SER A 190 11.84 8.21 -19.34
C SER A 190 13.29 8.52 -18.95
N ASN A 191 14.28 8.01 -19.71
CA ASN A 191 15.71 8.00 -19.33
C ASN A 191 16.56 7.81 -20.59
N CYS A 192 16.43 8.73 -21.55
CA CYS A 192 16.95 8.59 -22.94
C CYS A 192 18.48 8.72 -23.03
N ALA A 193 19.17 8.99 -21.93
CA ALA A 193 20.65 9.11 -21.85
C ALA A 193 21.30 7.74 -21.98
N TYR A 194 20.53 6.68 -21.74
CA TYR A 194 21.00 5.26 -21.80
C TYR A 194 20.39 4.61 -23.04
N ARG A 195 20.95 3.45 -23.43
CA ARG A 195 20.54 2.72 -24.65
C ARG A 195 20.75 1.21 -24.42
N ILE A 196 20.00 0.41 -25.17
CA ILE A 196 20.34 -1.01 -25.40
C ILE A 196 21.59 -1.03 -26.27
N VAL A 197 22.60 -1.81 -25.88
CA VAL A 197 23.81 -2.10 -26.68
C VAL A 197 23.80 -3.59 -26.99
N GLY A 198 24.06 -3.97 -28.25
CA GLY A 198 23.93 -5.35 -28.72
C GLY A 198 22.48 -5.75 -28.90
N GLN A 199 22.20 -7.04 -29.00
CA GLN A 199 20.86 -7.59 -29.34
C GLN A 199 20.25 -8.25 -28.12
N GLU A 200 19.00 -8.72 -28.22
CA GLU A 200 18.41 -9.68 -27.24
C GLU A 200 19.28 -10.94 -27.28
N PHE A 201 19.79 -11.42 -26.15
CA PHE A 201 20.66 -12.63 -26.08
C PHE A 201 19.91 -13.80 -25.38
N THR A 202 18.66 -13.60 -24.97
CA THR A 202 17.69 -14.69 -24.59
C THR A 202 16.35 -14.32 -25.24
N LYS A 203 15.38 -15.25 -25.31
CA LYS A 203 14.08 -14.98 -25.98
C LYS A 203 12.91 -15.62 -25.21
N SER A 204 13.05 -15.97 -23.93
CA SER A 204 11.92 -16.57 -23.16
C SER A 204 10.80 -15.53 -23.05
N GLY A 205 9.57 -15.91 -23.33
CA GLY A 205 8.39 -15.02 -23.21
C GLY A 205 7.81 -15.03 -21.80
N TRP A 206 6.69 -14.33 -21.63
CA TRP A 206 5.87 -14.32 -20.39
C TRP A 206 4.69 -15.28 -20.60
N GLY A 207 4.39 -16.08 -19.59
CA GLY A 207 3.26 -17.02 -19.65
C GLY A 207 2.53 -17.07 -18.32
N PHE A 208 1.30 -17.58 -18.36
CA PHE A 208 0.50 -17.92 -17.16
C PHE A 208 0.92 -19.32 -16.70
N ALA A 209 1.11 -19.50 -15.39
CA ALA A 209 1.63 -20.74 -14.77
C ALA A 209 0.54 -21.51 -14.01
N PHE A 210 0.51 -22.83 -14.20
CA PHE A 210 -0.46 -23.78 -13.59
C PHE A 210 0.27 -25.06 -13.18
N PRO A 211 -0.34 -25.94 -12.37
CA PRO A 211 0.31 -27.19 -11.96
C PRO A 211 0.64 -28.02 -13.21
N ARG A 212 1.68 -28.88 -13.13
CA ARG A 212 1.98 -29.93 -14.15
C ARG A 212 0.67 -30.61 -14.56
N ASP A 213 0.39 -30.66 -15.85
CA ASP A 213 -0.71 -31.44 -16.47
C ASP A 213 -2.02 -30.66 -16.37
N SER A 214 -1.97 -29.39 -15.97
CA SER A 214 -3.17 -28.51 -15.96
C SER A 214 -3.64 -28.31 -17.40
N PRO A 215 -4.88 -28.69 -17.71
CA PRO A 215 -5.42 -28.45 -19.04
C PRO A 215 -5.58 -26.94 -19.30
N LEU A 216 -5.54 -26.11 -18.25
CA LEU A 216 -5.67 -24.64 -18.37
C LEU A 216 -4.50 -24.10 -19.17
N ALA A 217 -3.31 -24.68 -18.98
CA ALA A 217 -2.08 -24.25 -19.69
C ALA A 217 -2.27 -24.46 -21.20
N ILE A 218 -2.90 -25.57 -21.59
CA ILE A 218 -3.19 -25.90 -23.02
C ILE A 218 -4.25 -24.94 -23.54
N ASP A 219 -5.41 -24.90 -22.89
CA ASP A 219 -6.60 -24.16 -23.37
C ASP A 219 -6.24 -22.68 -23.54
N LEU A 220 -5.56 -22.06 -22.56
CA LEU A 220 -5.26 -20.61 -22.63
C LEU A 220 -4.31 -20.34 -23.79
N SER A 221 -3.43 -21.28 -24.13
CA SER A 221 -2.54 -21.13 -25.32
C SER A 221 -3.40 -20.94 -26.60
N THR A 222 -4.54 -21.60 -26.73
CA THR A 222 -5.33 -21.43 -27.97
C THR A 222 -6.16 -20.15 -27.84
N ALA A 223 -6.56 -19.74 -26.64
CA ALA A 223 -7.11 -18.38 -26.38
C ALA A 223 -6.10 -17.33 -26.87
N ILE A 224 -4.83 -17.47 -26.48
CA ILE A 224 -3.77 -16.50 -26.85
C ILE A 224 -3.71 -16.39 -28.39
N LEU A 225 -3.83 -17.50 -29.11
CA LEU A 225 -3.85 -17.46 -30.59
C LEU A 225 -5.03 -16.59 -31.06
N GLU A 226 -6.22 -16.75 -30.47
CA GLU A 226 -7.42 -15.96 -30.85
C GLU A 226 -7.18 -14.47 -30.57
N LEU A 227 -6.59 -14.16 -29.41
CA LEU A 227 -6.20 -12.78 -29.02
C LEU A 227 -5.22 -12.21 -30.05
N ALA A 228 -4.21 -12.99 -30.44
CA ALA A 228 -3.22 -12.59 -31.47
C ALA A 228 -3.93 -12.24 -32.78
N GLU A 229 -4.69 -13.18 -33.36
CA GLU A 229 -5.40 -13.05 -34.67
C GLU A 229 -6.38 -11.87 -34.64
N ASN A 230 -7.29 -11.79 -33.66
CA ASN A 230 -8.37 -10.76 -33.66
C ASN A 230 -7.79 -9.38 -33.26
N GLY A 231 -6.48 -9.28 -32.96
CA GLY A 231 -5.75 -8.02 -32.73
C GLY A 231 -5.88 -7.47 -31.31
N ASP A 232 -6.57 -8.17 -30.40
CA ASP A 232 -6.79 -7.78 -28.97
C ASP A 232 -5.45 -7.74 -28.20
N LEU A 233 -4.49 -8.59 -28.55
CA LEU A 233 -3.16 -8.61 -27.90
C LEU A 233 -2.48 -7.25 -28.13
N GLN A 234 -2.45 -6.79 -29.38
CA GLN A 234 -1.88 -5.48 -29.80
C GLN A 234 -2.67 -4.36 -29.12
N ARG A 235 -4.00 -4.42 -29.16
CA ARG A 235 -4.88 -3.39 -28.56
C ARG A 235 -4.52 -3.28 -27.07
N ILE A 236 -4.35 -4.39 -26.35
CA ILE A 236 -4.11 -4.40 -24.86
C ILE A 236 -2.67 -3.97 -24.57
N HIS A 237 -1.74 -4.31 -25.46
CA HIS A 237 -0.36 -3.77 -25.38
C HIS A 237 -0.41 -2.23 -25.45
N ASP A 238 -1.08 -1.70 -26.47
CA ASP A 238 -1.15 -0.25 -26.81
C ASP A 238 -1.88 0.50 -25.69
N LYS A 239 -2.78 -0.17 -24.98
CA LYS A 239 -3.52 0.45 -23.86
C LYS A 239 -2.52 0.78 -22.73
N TRP A 240 -1.55 -0.09 -22.49
CA TRP A 240 -0.72 -0.06 -21.25
C TRP A 240 0.71 0.42 -21.50
N LEU A 241 1.29 0.10 -22.66
CA LEU A 241 2.77 0.16 -22.83
C LEU A 241 3.19 1.08 -23.97
N MET A 242 2.27 1.76 -24.66
CA MET A 242 2.66 2.72 -25.72
C MET A 242 3.39 3.87 -25.03
N LYS A 243 4.64 4.15 -25.38
CA LYS A 243 5.38 5.24 -24.70
C LYS A 243 6.22 6.01 -25.72
N ASN A 244 6.63 7.22 -25.33
CA ASN A 244 7.45 8.17 -26.11
C ASN A 244 8.86 7.57 -26.25
N ALA A 245 9.27 7.22 -27.47
CA ALA A 245 10.60 6.64 -27.78
C ALA A 245 11.68 7.74 -27.68
N CYS A 246 12.95 7.33 -27.58
CA CYS A 246 14.13 8.24 -27.50
C CYS A 246 14.61 8.67 -28.89
N THR A 247 14.43 7.82 -29.91
CA THR A 247 14.95 8.03 -31.29
C THR A 247 13.74 7.91 -32.25
N GLU B 6 -9.45 32.85 -18.09
CA GLU B 6 -9.11 31.98 -19.26
C GLU B 6 -8.48 30.69 -18.74
N LEU B 7 -7.18 30.63 -18.41
CA LEU B 7 -6.55 29.36 -17.95
C LEU B 7 -7.09 28.99 -16.55
N LYS B 8 -7.63 27.79 -16.42
CA LYS B 8 -8.08 27.22 -15.12
C LYS B 8 -6.84 26.66 -14.42
N ILE B 9 -6.33 27.39 -13.41
CA ILE B 9 -5.06 27.05 -12.71
C ILE B 9 -5.39 26.52 -11.30
N GLY B 10 -5.21 25.21 -11.11
CA GLY B 10 -5.31 24.58 -9.80
C GLY B 10 -4.24 25.12 -8.87
N VAL B 11 -4.61 25.31 -7.61
CA VAL B 11 -3.68 25.76 -6.56
C VAL B 11 -4.02 24.94 -5.34
N PRO B 12 -3.03 24.29 -4.69
CA PRO B 12 -3.31 23.44 -3.55
C PRO B 12 -3.84 24.30 -2.39
N LEU B 13 -4.90 23.82 -1.77
CA LEU B 13 -5.55 24.46 -0.61
C LEU B 13 -4.80 24.02 0.64
N ARG B 14 -3.67 24.64 0.92
CA ARG B 14 -2.81 24.24 2.07
C ARG B 14 -3.48 24.64 3.39
N VAL B 15 -3.34 23.81 4.43
CA VAL B 15 -3.85 24.12 5.79
C VAL B 15 -2.69 24.49 6.71
N SER B 16 -1.46 24.35 6.24
CA SER B 16 -0.20 24.55 7.01
C SER B 16 0.84 25.13 6.07
N TYR B 17 1.94 25.65 6.64
CA TYR B 17 3.06 26.29 5.89
C TYR B 17 2.47 27.21 4.80
N LYS B 18 1.55 28.08 5.23
CA LYS B 18 0.75 28.96 4.33
C LYS B 18 1.63 30.06 3.74
N GLU B 19 2.85 30.23 4.23
CA GLU B 19 3.85 31.19 3.67
C GLU B 19 4.12 30.83 2.20
N PHE B 20 3.95 29.57 1.82
CA PHE B 20 4.26 29.10 0.45
C PHE B 20 3.08 29.38 -0.48
N VAL B 21 1.88 29.01 -0.04
CA VAL B 21 0.61 29.33 -0.75
C VAL B 21 -0.58 29.04 0.19
N SER B 22 -1.58 29.91 0.15
CA SER B 22 -2.85 29.77 0.91
C SER B 22 -3.95 30.52 0.17
N GLN B 23 -5.17 29.97 0.28
CA GLN B 23 -6.42 30.68 -0.07
C GLN B 23 -6.60 31.88 0.89
N ILE B 24 -6.83 33.06 0.33
CA ILE B 24 -7.20 34.27 1.11
C ILE B 24 -8.58 34.04 1.73
N ARG B 25 -8.71 34.16 3.05
CA ARG B 25 -9.93 33.72 3.80
C ARG B 25 -11.14 34.49 3.28
N GLY B 26 -12.28 33.80 3.15
CA GLY B 26 -13.55 34.36 2.65
C GLY B 26 -13.60 34.48 1.13
N THR B 27 -12.65 33.88 0.41
CA THR B 27 -12.60 33.84 -1.08
C THR B 27 -12.48 32.40 -1.56
N GLU B 28 -12.89 32.17 -2.80
CA GLU B 28 -12.80 30.87 -3.51
C GLU B 28 -11.50 30.90 -4.31
N ASN B 29 -11.22 32.02 -4.99
CA ASN B 29 -10.28 32.08 -6.14
C ASN B 29 -9.10 33.03 -5.88
N MET B 30 -8.95 33.54 -4.68
CA MET B 30 -7.85 34.49 -4.39
C MET B 30 -6.81 33.79 -3.52
N PHE B 31 -5.55 33.83 -3.93
CA PHE B 31 -4.43 33.12 -3.26
C PHE B 31 -3.28 34.08 -3.08
N LYS B 32 -2.40 33.77 -2.15
CA LYS B 32 -1.23 34.61 -1.83
C LYS B 32 -0.11 33.68 -1.33
N GLY B 33 1.12 34.18 -1.35
CA GLY B 33 2.28 33.50 -0.75
C GLY B 33 3.46 33.50 -1.69
N PHE B 34 4.57 32.94 -1.24
CA PHE B 34 5.83 32.82 -2.02
C PHE B 34 5.50 32.35 -3.44
N CYS B 35 4.81 31.23 -3.55
CA CYS B 35 4.59 30.54 -4.84
C CYS B 35 3.71 31.41 -5.75
N ILE B 36 2.72 32.08 -5.19
CA ILE B 36 1.82 32.95 -5.99
C ILE B 36 2.62 34.15 -6.49
N ASP B 37 3.43 34.75 -5.62
CA ASP B 37 4.21 35.97 -5.99
C ASP B 37 5.23 35.63 -7.07
N VAL B 38 5.88 34.47 -6.98
CA VAL B 38 6.84 34.06 -8.05
C VAL B 38 6.06 33.89 -9.37
N PHE B 39 4.95 33.18 -9.32
CA PHE B 39 4.10 32.91 -10.50
C PHE B 39 3.70 34.23 -11.16
N THR B 40 3.16 35.15 -10.35
CA THR B 40 2.71 36.51 -10.77
C THR B 40 3.87 37.30 -11.39
N ALA B 41 5.03 37.33 -10.73
CA ALA B 41 6.21 38.09 -11.18
C ALA B 41 6.64 37.55 -12.55
N ALA B 42 6.66 36.22 -12.70
CA ALA B 42 7.11 35.50 -13.91
C ALA B 42 6.16 35.79 -15.07
N VAL B 43 4.85 35.64 -14.84
CA VAL B 43 3.80 35.90 -15.87
C VAL B 43 3.96 37.34 -16.33
N ASN B 44 4.17 38.28 -15.40
CA ASN B 44 4.25 39.73 -15.72
C ASN B 44 5.42 39.99 -16.67
N LEU B 45 6.43 39.14 -16.66
CA LEU B 45 7.63 39.30 -17.54
C LEU B 45 7.36 38.75 -18.94
N LEU B 46 6.18 38.18 -19.19
CA LEU B 46 5.87 37.60 -20.53
C LEU B 46 5.39 38.70 -21.46
N PRO B 47 5.73 38.62 -22.76
CA PRO B 47 5.32 39.63 -23.73
C PRO B 47 3.90 39.46 -24.27
N TYR B 48 3.14 38.51 -23.72
CA TYR B 48 1.69 38.30 -23.99
C TYR B 48 0.96 38.23 -22.66
N ALA B 49 -0.34 38.55 -22.68
CA ALA B 49 -1.25 38.43 -21.52
C ALA B 49 -1.53 36.95 -21.27
N VAL B 50 -1.62 36.55 -19.99
CA VAL B 50 -2.05 35.19 -19.55
C VAL B 50 -3.10 35.35 -18.48
N PRO B 51 -4.38 35.48 -18.87
CA PRO B 51 -5.46 35.57 -17.90
C PRO B 51 -5.58 34.20 -17.23
N VAL B 52 -5.70 34.19 -15.90
CA VAL B 52 -5.81 32.94 -15.08
C VAL B 52 -6.99 33.07 -14.11
N LYS B 53 -7.70 31.96 -13.89
CA LYS B 53 -8.58 31.77 -12.71
C LYS B 53 -7.92 30.72 -11.81
N PHE B 54 -7.57 31.13 -10.59
CA PHE B 54 -7.08 30.20 -9.54
C PHE B 54 -8.25 29.40 -8.99
N ILE B 55 -8.12 28.07 -8.98
CA ILE B 55 -9.18 27.13 -8.53
C ILE B 55 -8.60 26.31 -7.41
N PRO B 56 -9.20 26.36 -6.22
CA PRO B 56 -8.65 25.66 -5.06
C PRO B 56 -8.79 24.16 -5.28
N TYR B 57 -7.76 23.41 -4.91
CA TYR B 57 -7.79 21.94 -4.92
C TYR B 57 -7.53 21.44 -3.51
N GLY B 58 -8.54 20.85 -2.90
CA GLY B 58 -8.47 20.29 -1.53
C GLY B 58 -9.84 20.29 -0.88
N ASN B 59 -10.00 19.50 0.19
CA ASN B 59 -11.22 19.47 1.02
C ASN B 59 -11.18 20.60 2.05
N GLY B 60 -10.07 21.33 2.15
CA GLY B 60 -9.88 22.43 3.12
C GLY B 60 -9.67 21.96 4.54
N LYS B 61 -9.62 20.65 4.80
CA LYS B 61 -9.43 20.05 6.15
C LYS B 61 -7.99 19.56 6.31
N GLU B 62 -7.39 18.97 5.27
CA GLU B 62 -5.96 18.59 5.23
C GLU B 62 -5.38 19.00 3.88
N ASN B 63 -4.04 19.05 3.77
CA ASN B 63 -3.32 19.21 2.49
C ASN B 63 -3.85 18.15 1.52
N PRO B 64 -4.07 18.52 0.25
CA PRO B 64 -4.47 17.54 -0.75
C PRO B 64 -3.32 16.62 -1.21
N SER B 65 -3.68 15.55 -1.92
CA SER B 65 -2.78 14.74 -2.75
C SER B 65 -2.22 15.63 -3.87
N TYR B 66 -0.94 15.98 -3.78
CA TYR B 66 -0.26 16.86 -4.77
C TYR B 66 -0.23 16.10 -6.10
N THR B 67 0.05 14.79 -6.08
CA THR B 67 0.08 13.99 -7.32
C THR B 67 -1.31 13.99 -7.96
N HIS B 68 -2.39 13.74 -7.20
CA HIS B 68 -3.76 13.74 -7.80
C HIS B 68 -4.04 15.14 -8.38
N MET B 69 -3.57 16.20 -7.73
CA MET B 69 -3.78 17.59 -8.19
C MET B 69 -3.16 17.74 -9.58
N VAL B 70 -1.94 17.22 -9.77
CA VAL B 70 -1.18 17.37 -11.04
C VAL B 70 -1.92 16.55 -12.11
N GLU B 71 -2.47 15.40 -11.72
CA GLU B 71 -3.22 14.50 -12.64
C GLU B 71 -4.39 15.26 -13.27
N MET B 72 -4.89 16.30 -12.60
CA MET B 72 -6.06 17.08 -13.06
C MET B 72 -5.73 17.77 -14.38
N ILE B 73 -4.45 17.99 -14.67
CA ILE B 73 -3.99 18.58 -15.97
C ILE B 73 -4.25 17.56 -17.09
N THR B 74 -3.92 16.29 -16.87
CA THR B 74 -3.93 15.21 -17.91
C THR B 74 -5.37 14.95 -18.38
N THR B 75 -6.35 15.09 -17.48
CA THR B 75 -7.81 14.91 -17.76
C THR B 75 -8.41 16.18 -18.36
N GLY B 76 -7.70 17.31 -18.32
CA GLY B 76 -8.22 18.58 -18.85
C GLY B 76 -9.08 19.35 -17.84
N ASN B 77 -9.16 18.92 -16.58
CA ASN B 77 -9.85 19.70 -15.51
C ASN B 77 -9.11 21.03 -15.24
N PHE B 78 -7.77 21.00 -15.26
CA PHE B 78 -6.94 22.22 -15.10
C PHE B 78 -6.05 22.40 -16.33
N ASP B 79 -5.73 23.66 -16.62
CA ASP B 79 -4.82 24.06 -17.73
C ASP B 79 -3.40 24.17 -17.17
N GLY B 80 -3.26 24.12 -15.85
CA GLY B 80 -1.98 24.21 -15.15
C GLY B 80 -2.17 24.07 -13.67
N VAL B 81 -1.09 23.85 -12.94
CA VAL B 81 -1.11 23.90 -11.46
C VAL B 81 0.03 24.83 -11.02
N VAL B 82 -0.30 25.75 -10.13
CA VAL B 82 0.67 26.67 -9.48
C VAL B 82 0.67 26.37 -7.98
N GLY B 83 1.84 26.05 -7.43
CA GLY B 83 2.03 25.80 -6.00
C GLY B 83 3.38 25.23 -5.71
N ASP B 84 3.55 24.85 -4.44
CA ASP B 84 4.76 24.19 -3.89
C ASP B 84 4.83 22.74 -4.40
N VAL B 85 4.88 22.54 -5.72
CA VAL B 85 4.74 21.19 -6.34
C VAL B 85 6.12 20.66 -6.75
N ALA B 86 6.60 19.62 -6.08
CA ALA B 86 7.92 18.99 -6.38
C ALA B 86 7.88 18.35 -7.77
N ILE B 87 8.94 18.60 -8.54
CA ILE B 87 9.15 18.07 -9.91
C ILE B 87 9.74 16.65 -9.81
N VAL B 88 8.90 15.65 -9.55
CA VAL B 88 9.31 14.24 -9.29
C VAL B 88 8.88 13.38 -10.48
N THR B 89 9.56 12.25 -10.72
CA THR B 89 9.52 11.47 -12.00
C THR B 89 8.09 11.06 -12.34
N ASN B 90 7.28 10.62 -11.38
CA ASN B 90 5.92 10.11 -11.67
C ASN B 90 5.02 11.25 -12.19
N ARG B 91 5.37 12.51 -11.93
CA ARG B 91 4.62 13.71 -12.39
C ARG B 91 5.20 14.22 -13.71
N THR B 92 6.53 14.22 -13.90
CA THR B 92 7.18 14.70 -15.15
C THR B 92 6.82 13.75 -16.30
N LYS B 93 6.47 12.50 -15.99
CA LYS B 93 6.00 11.51 -16.99
C LYS B 93 4.70 12.01 -17.64
N ILE B 94 3.85 12.76 -16.93
CA ILE B 94 2.48 13.03 -17.41
C ILE B 94 2.24 14.51 -17.69
N VAL B 95 3.05 15.42 -17.14
CA VAL B 95 2.87 16.89 -17.37
C VAL B 95 4.25 17.50 -17.60
N ASP B 96 4.30 18.72 -18.13
CA ASP B 96 5.53 19.52 -18.31
C ASP B 96 5.60 20.57 -17.20
N PHE B 97 6.72 20.60 -16.48
CA PHE B 97 7.05 21.61 -15.45
C PHE B 97 7.95 22.67 -16.09
N THR B 98 7.91 23.87 -15.52
CA THR B 98 8.96 24.90 -15.68
C THR B 98 10.25 24.30 -15.09
N GLN B 99 11.36 24.95 -15.32
CA GLN B 99 12.54 24.72 -14.47
C GLN B 99 12.17 25.10 -13.02
N PRO B 100 12.91 24.62 -12.02
CA PRO B 100 12.63 25.00 -10.64
C PRO B 100 12.72 26.50 -10.40
N TYR B 101 11.76 27.04 -9.65
CA TYR B 101 11.77 28.44 -9.16
C TYR B 101 12.22 28.44 -7.70
N ALA B 102 12.33 27.25 -7.12
CA ALA B 102 12.76 27.05 -5.72
C ALA B 102 13.44 25.68 -5.56
N ALA B 103 14.57 25.66 -4.85
CA ALA B 103 15.33 24.43 -4.56
C ALA B 103 14.60 23.70 -3.44
N SER B 104 14.44 22.38 -3.59
CA SER B 104 13.86 21.50 -2.55
C SER B 104 14.60 20.16 -2.55
N GLY B 105 14.16 19.24 -1.70
CA GLY B 105 14.83 17.94 -1.49
C GLY B 105 14.52 17.42 -0.10
N LEU B 106 14.38 16.10 0.02
CA LEU B 106 13.99 15.42 1.28
C LEU B 106 15.18 15.44 2.25
N VAL B 107 14.89 15.74 3.51
CA VAL B 107 15.83 15.68 4.66
C VAL B 107 15.19 14.86 5.78
N VAL B 108 16.01 14.43 6.74
CA VAL B 108 15.51 13.80 7.99
C VAL B 108 15.57 14.87 9.10
N VAL B 109 14.47 15.04 9.84
CA VAL B 109 14.38 15.91 11.04
C VAL B 109 14.18 15.00 12.23
N ALA B 110 14.94 15.22 13.29
CA ALA B 110 14.85 14.44 14.55
C ALA B 110 15.21 15.34 15.71
N PRO B 111 15.02 14.88 16.96
CA PRO B 111 15.53 15.60 18.12
C PRO B 111 17.07 15.72 18.10
N GLY B 112 17.57 16.79 18.77
CA GLY B 112 18.98 17.17 18.97
C GLY B 112 19.89 16.00 19.39
N GLY B 113 19.40 15.11 20.24
CA GLY B 113 20.21 14.05 20.87
C GLY B 113 20.42 12.82 19.98
N THR B 114 19.47 12.51 19.09
CA THR B 114 19.20 11.13 18.59
C THR B 114 20.45 10.38 18.15
N PRO B 115 20.41 9.03 18.23
CA PRO B 115 21.34 8.19 17.49
C PRO B 115 21.27 8.39 15.96
N ILE B 116 20.07 8.68 15.43
CA ILE B 116 19.69 8.80 13.98
C ILE B 116 20.63 9.79 13.28
N LYS B 117 21.34 9.33 12.24
CA LYS B 117 22.39 10.11 11.52
C LYS B 117 21.87 10.62 10.17
N GLY B 118 20.77 10.05 9.68
CA GLY B 118 20.23 10.33 8.34
C GLY B 118 19.31 9.23 7.83
N ILE B 119 19.06 9.25 6.53
CA ILE B 119 17.99 8.39 5.94
C ILE B 119 18.41 6.93 6.09
N GLU B 120 19.71 6.63 6.00
CA GLU B 120 20.17 5.21 6.07
C GLU B 120 19.81 4.65 7.46
N SER B 121 20.06 5.41 8.55
CA SER B 121 19.76 4.96 9.93
C SER B 121 18.26 4.74 10.06
N LEU B 122 17.44 5.52 9.35
CA LEU B 122 15.97 5.33 9.33
C LEU B 122 15.60 3.98 8.71
N ARG B 123 16.30 3.55 7.65
CA ARG B 123 15.96 2.32 6.89
C ARG B 123 16.40 1.05 7.64
N GLU B 124 17.49 1.09 8.41
CA GLU B 124 17.92 -0.11 9.16
C GLU B 124 17.06 -0.26 10.44
N ARG B 125 16.39 0.80 10.90
CA ARG B 125 15.48 0.76 12.08
C ARG B 125 14.05 0.39 11.63
N ASP B 126 13.17 0.11 12.59
CA ASP B 126 11.74 -0.22 12.37
C ASP B 126 10.84 0.75 13.16
N ASP B 127 11.40 1.88 13.60
CA ASP B 127 10.70 3.04 14.22
C ASP B 127 9.70 3.64 13.23
N PRO B 128 8.56 4.23 13.71
CA PRO B 128 7.69 5.03 12.85
C PRO B 128 8.40 6.29 12.34
N ILE B 129 8.04 6.66 11.10
CA ILE B 129 8.57 7.86 10.39
C ILE B 129 7.40 8.77 10.03
N GLY B 130 7.50 10.05 10.39
CA GLY B 130 6.58 11.09 9.96
C GLY B 130 6.87 11.54 8.53
N TYR B 131 5.83 11.84 7.75
CA TYR B 131 5.94 12.58 6.47
C TYR B 131 4.78 13.58 6.42
N GLN B 132 4.86 14.55 5.52
CA GLN B 132 3.80 15.59 5.36
C GLN B 132 2.61 15.02 4.56
N VAL B 133 1.42 15.08 5.12
CA VAL B 133 0.14 14.74 4.44
C VAL B 133 0.17 15.27 3.00
N GLY B 134 0.05 14.37 2.01
CA GLY B 134 -0.25 14.75 0.61
C GLY B 134 0.99 14.84 -0.25
N SER B 135 2.16 14.69 0.36
CA SER B 135 3.49 14.78 -0.27
C SER B 135 3.78 13.52 -1.08
N PHE B 136 4.57 13.66 -2.14
CA PHE B 136 5.17 12.53 -2.89
C PHE B 136 6.07 11.69 -1.96
N ALA B 137 6.50 12.25 -0.81
CA ALA B 137 7.50 11.64 0.09
C ALA B 137 7.06 10.23 0.52
N GLU B 138 5.76 10.07 0.73
CA GLU B 138 5.11 8.83 1.19
C GLU B 138 5.45 7.73 0.18
N SER B 139 5.31 8.02 -1.10
CA SER B 139 5.54 7.09 -2.22
C SER B 139 7.06 6.85 -2.41
N TYR B 140 7.89 7.88 -2.24
CA TYR B 140 9.37 7.72 -2.32
C TYR B 140 9.82 6.72 -1.27
N LEU B 141 9.32 6.87 -0.05
CA LEU B 141 9.75 6.06 1.12
C LEU B 141 9.36 4.59 0.90
N ARG B 142 8.11 4.32 0.57
CA ARG B 142 7.59 2.95 0.28
C ARG B 142 8.40 2.32 -0.89
N ASN B 143 8.38 2.93 -2.07
CA ASN B 143 8.74 2.25 -3.35
C ASN B 143 10.25 2.33 -3.66
N GLU B 144 10.90 3.51 -3.47
CA GLU B 144 12.34 3.70 -3.76
C GLU B 144 13.20 3.23 -2.58
N LEU B 145 12.75 3.43 -1.33
CA LEU B 145 13.57 3.11 -0.12
C LEU B 145 13.03 1.89 0.64
N ASN B 146 11.96 1.26 0.15
CA ASN B 146 11.47 -0.05 0.66
C ASN B 146 11.13 0.07 2.15
N ILE B 147 10.68 1.24 2.62
CA ILE B 147 10.24 1.45 4.03
C ILE B 147 8.83 0.88 4.11
N SER B 148 8.52 0.15 5.18
CA SER B 148 7.19 -0.48 5.38
C SER B 148 6.13 0.63 5.49
N GLU B 149 5.01 0.46 4.78
CA GLU B 149 3.84 1.37 4.82
C GLU B 149 3.35 1.54 6.27
N SER B 150 3.40 0.48 7.08
CA SER B 150 2.86 0.49 8.48
C SER B 150 3.74 1.34 9.38
N ARG B 151 4.95 1.71 8.94
CA ARG B 151 5.81 2.64 9.72
C ARG B 151 5.47 4.11 9.42
N LEU B 152 4.76 4.42 8.33
CA LEU B 152 4.61 5.83 7.83
C LEU B 152 3.44 6.51 8.54
N VAL B 153 3.70 7.69 9.12
CA VAL B 153 2.70 8.47 9.89
C VAL B 153 2.54 9.82 9.21
N PRO B 154 1.35 10.09 8.60
CA PRO B 154 1.09 11.38 7.98
C PRO B 154 0.85 12.48 9.03
N LEU B 155 1.54 13.63 8.88
CA LEU B 155 1.46 14.81 9.77
C LEU B 155 1.20 16.08 8.94
N GLY B 156 0.23 16.90 9.36
CA GLY B 156 -0.39 17.93 8.51
C GLY B 156 0.13 19.34 8.78
N THR B 157 0.77 19.57 9.93
CA THR B 157 1.12 20.90 10.46
C THR B 157 2.44 20.84 11.23
N PRO B 158 3.16 21.97 11.37
CA PRO B 158 4.37 22.00 12.21
C PRO B 158 4.07 21.69 13.69
N GLU B 159 2.88 22.05 14.17
CA GLU B 159 2.42 21.74 15.55
C GLU B 159 2.40 20.21 15.72
N ALA B 160 1.75 19.51 14.79
CA ALA B 160 1.70 18.03 14.73
C ALA B 160 3.12 17.45 14.62
N TYR B 161 3.99 18.06 13.80
CA TYR B 161 5.40 17.63 13.63
C TYR B 161 6.05 17.58 15.01
N ALA B 162 5.94 18.70 15.74
CA ALA B 162 6.59 18.92 17.05
C ALA B 162 6.02 17.91 18.03
N LYS B 163 4.70 17.78 18.08
CA LYS B 163 4.04 16.81 18.99
C LYS B 163 4.57 15.40 18.71
N ALA B 164 4.59 14.95 17.46
CA ALA B 164 4.98 13.58 17.10
C ALA B 164 6.47 13.34 17.41
N LEU B 165 7.32 14.36 17.32
CA LEU B 165 8.77 14.22 17.64
C LEU B 165 8.97 14.18 19.17
N LYS B 166 8.18 14.98 19.90
CA LYS B 166 8.26 15.08 21.38
C LYS B 166 7.81 13.76 22.01
N ASP B 167 6.63 13.26 21.61
CA ASP B 167 6.04 12.03 22.18
C ASP B 167 6.93 10.84 21.77
N GLY B 168 7.49 10.88 20.56
CA GLY B 168 8.37 9.82 20.03
C GLY B 168 7.62 8.51 19.78
N PRO B 169 8.33 7.45 19.34
CA PRO B 169 7.70 6.19 18.95
C PRO B 169 6.89 5.49 20.05
N SER B 170 7.33 5.62 21.30
CA SER B 170 6.73 5.01 22.51
C SER B 170 5.28 5.48 22.72
N LYS B 171 5.00 6.77 22.49
CA LYS B 171 3.69 7.41 22.79
C LYS B 171 2.96 7.82 21.49
N GLY B 172 2.95 6.96 20.46
CA GLY B 172 2.16 7.15 19.22
C GLY B 172 2.70 8.27 18.32
N GLY B 173 3.89 8.78 18.60
CA GLY B 173 4.63 9.73 17.75
C GLY B 173 5.64 9.03 16.85
N VAL B 174 6.73 9.73 16.50
CA VAL B 174 7.69 9.27 15.45
C VAL B 174 9.13 9.47 15.94
N ALA B 175 10.06 8.70 15.37
CA ALA B 175 11.53 8.80 15.63
C ALA B 175 12.07 10.03 14.90
N ALA B 176 11.49 10.31 13.74
CA ALA B 176 11.95 11.39 12.84
C ALA B 176 10.89 11.67 11.79
N ILE B 177 11.03 12.80 11.11
CA ILE B 177 10.11 13.19 10.01
C ILE B 177 10.96 13.34 8.76
N VAL B 178 10.45 12.83 7.63
CA VAL B 178 11.04 13.02 6.29
C VAL B 178 10.14 14.03 5.58
N ASP B 179 10.73 15.14 5.15
CA ASP B 179 9.98 16.18 4.42
C ASP B 179 10.97 17.06 3.65
N GLU B 180 10.46 17.76 2.65
CA GLU B 180 11.24 18.69 1.81
C GLU B 180 11.82 19.79 2.71
N ARG B 181 13.02 20.25 2.39
CA ARG B 181 13.79 21.22 3.21
C ARG B 181 13.00 22.50 3.45
N PRO B 182 12.32 23.11 2.45
CA PRO B 182 11.63 24.39 2.70
C PRO B 182 10.66 24.34 3.90
N TYR B 183 9.84 23.30 4.02
CA TYR B 183 8.88 23.14 5.14
C TYR B 183 9.67 22.98 6.44
N VAL B 184 10.70 22.15 6.41
CA VAL B 184 11.53 21.82 7.59
C VAL B 184 12.21 23.10 8.12
N GLU B 185 12.72 23.97 7.23
CA GLU B 185 13.28 25.29 7.62
C GLU B 185 12.22 26.08 8.39
N LEU B 186 11.01 26.22 7.87
CA LEU B 186 9.94 26.96 8.57
C LEU B 186 9.73 26.32 9.94
N PHE B 187 9.63 25.00 9.95
CA PHE B 187 9.31 24.23 11.17
C PHE B 187 10.38 24.52 12.22
N LEU B 188 11.66 24.48 11.84
CA LEU B 188 12.78 24.55 12.80
C LEU B 188 12.87 25.96 13.36
N SER B 189 12.58 26.99 12.55
CA SER B 189 12.66 28.41 12.95
C SER B 189 11.75 28.68 14.16
N SER B 190 10.76 27.81 14.42
CA SER B 190 9.78 27.92 15.53
C SER B 190 9.94 26.78 16.54
N ASN B 191 10.85 25.84 16.31
CA ASN B 191 10.91 24.57 17.08
C ASN B 191 12.38 24.14 17.18
N CYS B 192 13.21 25.00 17.74
CA CYS B 192 14.70 24.94 17.63
C CYS B 192 15.27 23.71 18.33
N ALA B 193 14.47 22.97 19.10
CA ALA B 193 14.89 21.72 19.78
C ALA B 193 15.28 20.66 18.75
N TYR B 194 14.57 20.57 17.63
CA TYR B 194 14.80 19.55 16.58
C TYR B 194 15.87 20.05 15.61
N ARG B 195 16.39 19.14 14.78
CA ARG B 195 17.50 19.43 13.83
C ARG B 195 17.34 18.52 12.61
N ILE B 196 17.85 19.01 11.47
CA ILE B 196 18.14 18.16 10.30
C ILE B 196 19.33 17.30 10.69
N VAL B 197 19.24 15.99 10.48
CA VAL B 197 20.42 15.08 10.56
C VAL B 197 20.72 14.55 9.14
N GLY B 198 22.00 14.52 8.76
CA GLY B 198 22.44 14.18 7.39
C GLY B 198 22.20 15.34 6.43
N GLN B 199 22.18 15.05 5.15
CA GLN B 199 22.03 16.05 4.06
C GLN B 199 20.71 15.77 3.33
N GLU B 200 20.38 16.60 2.34
CA GLU B 200 19.32 16.30 1.35
C GLU B 200 19.67 14.98 0.68
N PHE B 201 18.75 14.02 0.63
CA PHE B 201 18.92 12.73 -0.09
C PHE B 201 18.09 12.72 -1.40
N THR B 202 17.27 13.74 -1.67
CA THR B 202 16.68 14.03 -3.00
C THR B 202 16.90 15.52 -3.32
N LYS B 203 16.76 15.93 -4.59
CA LYS B 203 17.13 17.30 -5.02
C LYS B 203 16.04 17.93 -5.87
N SER B 204 14.85 17.31 -6.01
CA SER B 204 13.80 17.80 -6.93
C SER B 204 13.35 19.20 -6.49
N GLY B 205 13.21 20.10 -7.46
CA GLY B 205 12.78 21.50 -7.21
C GLY B 205 11.26 21.63 -7.21
N TRP B 206 10.78 22.84 -7.03
CA TRP B 206 9.35 23.19 -7.19
C TRP B 206 9.19 23.87 -8.54
N GLY B 207 8.18 23.46 -9.30
CA GLY B 207 7.87 24.04 -10.62
C GLY B 207 6.40 24.32 -10.79
N PHE B 208 6.08 25.14 -11.79
CA PHE B 208 4.70 25.35 -12.29
C PHE B 208 4.45 24.30 -13.37
N ALA B 209 3.32 23.59 -13.26
CA ALA B 209 2.99 22.43 -14.11
C ALA B 209 1.97 22.82 -15.17
N PHE B 210 2.17 22.33 -16.40
CA PHE B 210 1.29 22.57 -17.58
C PHE B 210 1.11 21.26 -18.35
N PRO B 211 0.24 21.22 -19.38
CA PRO B 211 0.15 20.05 -20.26
C PRO B 211 1.43 19.78 -21.06
N ARG B 212 1.74 18.51 -21.35
CA ARG B 212 2.89 18.09 -22.20
C ARG B 212 2.87 19.00 -23.43
N ASP B 213 4.03 19.59 -23.75
CA ASP B 213 4.34 20.39 -24.97
C ASP B 213 3.86 21.83 -24.79
N SER B 214 3.43 22.23 -23.59
CA SER B 214 2.96 23.62 -23.33
C SER B 214 4.13 24.59 -23.53
N PRO B 215 3.97 25.61 -24.41
CA PRO B 215 4.96 26.67 -24.53
C PRO B 215 5.12 27.49 -23.24
N LEU B 216 4.08 27.51 -22.39
CA LEU B 216 4.15 28.25 -21.10
C LEU B 216 5.28 27.70 -20.22
N ALA B 217 5.43 26.39 -20.14
CA ALA B 217 6.52 25.74 -19.35
C ALA B 217 7.88 26.29 -19.78
N ILE B 218 8.08 26.47 -21.09
CA ILE B 218 9.33 27.03 -21.67
C ILE B 218 9.46 28.52 -21.30
N ASP B 219 8.50 29.33 -21.70
CA ASP B 219 8.57 30.82 -21.56
C ASP B 219 8.70 31.22 -20.07
N LEU B 220 8.06 30.52 -19.13
CA LEU B 220 8.16 30.87 -17.69
C LEU B 220 9.57 30.55 -17.17
N SER B 221 10.21 29.53 -17.72
CA SER B 221 11.59 29.15 -17.34
C SER B 221 12.56 30.28 -17.68
N THR B 222 12.37 30.98 -18.81
CA THR B 222 13.15 32.20 -19.15
C THR B 222 12.79 33.34 -18.18
N ALA B 223 11.53 33.49 -17.81
CA ALA B 223 11.09 34.48 -16.82
C ALA B 223 11.78 34.19 -15.49
N ILE B 224 11.92 32.91 -15.12
CA ILE B 224 12.53 32.52 -13.81
C ILE B 224 13.99 32.97 -13.82
N LEU B 225 14.67 32.86 -14.95
CA LEU B 225 16.06 33.34 -15.07
C LEU B 225 16.12 34.83 -14.75
N GLU B 226 15.26 35.63 -15.38
CA GLU B 226 15.22 37.11 -15.18
C GLU B 226 14.96 37.38 -13.70
N LEU B 227 14.00 36.69 -13.08
CA LEU B 227 13.68 36.90 -11.64
C LEU B 227 14.94 36.60 -10.79
N ALA B 228 15.69 35.55 -11.13
CA ALA B 228 16.94 35.20 -10.42
C ALA B 228 17.94 36.35 -10.58
N GLU B 229 18.20 36.77 -11.82
CA GLU B 229 19.25 37.77 -12.15
C GLU B 229 18.89 39.14 -11.55
N ASN B 230 17.64 39.58 -11.61
CA ASN B 230 17.28 40.95 -11.19
C ASN B 230 17.07 40.94 -9.67
N GLY B 231 17.24 39.79 -9.00
CA GLY B 231 17.21 39.67 -7.53
C GLY B 231 15.80 39.59 -6.95
N ASP B 232 14.76 39.57 -7.80
CA ASP B 232 13.31 39.51 -7.40
C ASP B 232 13.01 38.16 -6.74
N LEU B 233 13.63 37.08 -7.19
CA LEU B 233 13.46 35.74 -6.57
C LEU B 233 13.87 35.80 -5.08
N GLN B 234 15.00 36.43 -4.77
CA GLN B 234 15.52 36.60 -3.39
C GLN B 234 14.58 37.51 -2.60
N ARG B 235 14.11 38.61 -3.21
CA ARG B 235 13.21 39.61 -2.57
C ARG B 235 11.92 38.88 -2.14
N ILE B 236 11.34 38.07 -3.05
CA ILE B 236 10.06 37.36 -2.81
C ILE B 236 10.28 36.27 -1.76
N HIS B 237 11.41 35.57 -1.82
CA HIS B 237 11.81 34.60 -0.76
C HIS B 237 11.84 35.31 0.59
N ASP B 238 12.54 36.45 0.69
CA ASP B 238 12.77 37.21 1.95
C ASP B 238 11.43 37.78 2.46
N LYS B 239 10.56 38.22 1.55
CA LYS B 239 9.23 38.74 1.90
C LYS B 239 8.44 37.70 2.72
N TRP B 240 8.57 36.40 2.41
CA TRP B 240 7.66 35.33 2.91
C TRP B 240 8.34 34.38 3.91
N LEU B 241 9.65 34.13 3.76
CA LEU B 241 10.32 32.94 4.35
C LEU B 241 11.50 33.27 5.31
N MET B 242 11.66 34.53 5.75
CA MET B 242 12.64 34.89 6.84
C MET B 242 12.00 34.70 8.22
N CYS B 246 16.82 30.38 14.44
CA CYS B 246 17.63 29.94 15.61
C CYS B 246 19.01 30.61 15.49
N GLU C 6 -16.63 -16.59 25.65
CA GLU C 6 -15.57 -15.78 24.98
C GLU C 6 -14.23 -15.85 25.76
N LEU C 7 -13.24 -16.59 25.26
CA LEU C 7 -11.93 -16.79 25.95
C LEU C 7 -11.06 -15.53 25.80
N LYS C 8 -10.54 -15.04 26.93
CA LYS C 8 -9.53 -13.96 26.96
C LYS C 8 -8.16 -14.60 26.66
N ILE C 9 -7.66 -14.39 25.43
CA ILE C 9 -6.41 -15.01 24.90
C ILE C 9 -5.32 -13.94 24.81
N GLY C 10 -4.33 -14.00 25.70
CA GLY C 10 -3.09 -13.18 25.64
C GLY C 10 -2.36 -13.42 24.33
N VAL C 11 -1.90 -12.35 23.71
CA VAL C 11 -1.03 -12.40 22.49
C VAL C 11 0.14 -11.45 22.69
N PRO C 12 1.40 -11.89 22.50
CA PRO C 12 2.54 -11.00 22.69
C PRO C 12 2.52 -9.86 21.69
N LEU C 13 2.74 -8.64 22.20
CA LEU C 13 2.83 -7.41 21.40
C LEU C 13 4.29 -7.28 20.96
N ARG C 14 4.63 -7.91 19.84
CA ARG C 14 6.01 -7.97 19.32
C ARG C 14 6.36 -6.61 18.70
N VAL C 15 7.56 -6.11 18.96
CA VAL C 15 8.07 -4.85 18.33
C VAL C 15 9.00 -5.18 17.15
N SER C 16 9.33 -6.47 16.97
CA SER C 16 10.27 -7.03 15.94
C SER C 16 9.78 -8.39 15.44
N TYR C 17 10.34 -8.88 14.33
CA TYR C 17 10.04 -10.21 13.76
C TYR C 17 8.53 -10.40 13.78
N LYS C 18 7.80 -9.41 13.25
CA LYS C 18 6.32 -9.34 13.31
C LYS C 18 5.68 -10.33 12.34
N GLU C 19 6.47 -10.98 11.47
CA GLU C 19 5.97 -12.03 10.56
C GLU C 19 5.33 -13.17 11.37
N PHE C 20 5.75 -13.35 12.62
CA PHE C 20 5.27 -14.47 13.47
C PHE C 20 3.92 -14.11 14.06
N VAL C 21 3.82 -12.91 14.64
CA VAL C 21 2.57 -12.37 15.25
C VAL C 21 2.74 -10.86 15.45
N SER C 22 1.78 -10.07 15.00
CA SER C 22 1.75 -8.59 15.17
C SER C 22 0.31 -8.09 15.26
N GLN C 23 0.10 -7.06 16.06
CA GLN C 23 -1.15 -6.26 16.09
C GLN C 23 -1.36 -5.68 14.69
N ILE C 24 -2.56 -5.78 14.17
CA ILE C 24 -2.92 -5.26 12.82
C ILE C 24 -3.07 -3.75 12.96
N ARG C 25 -2.40 -2.95 12.12
CA ARG C 25 -2.50 -1.47 12.17
C ARG C 25 -3.97 -1.07 11.98
N GLY C 26 -4.41 -0.07 12.74
CA GLY C 26 -5.80 0.44 12.74
C GLY C 26 -6.74 -0.40 13.60
N THR C 27 -6.21 -1.26 14.48
CA THR C 27 -7.01 -2.12 15.39
C THR C 27 -6.43 -2.06 16.80
N GLU C 28 -7.25 -2.36 17.80
CA GLU C 28 -6.84 -2.35 19.24
C GLU C 28 -6.29 -3.72 19.64
N ASN C 29 -6.88 -4.81 19.13
CA ASN C 29 -6.83 -6.18 19.72
C ASN C 29 -7.00 -7.23 18.61
N MET C 30 -6.61 -6.89 17.39
CA MET C 30 -6.67 -7.80 16.22
C MET C 30 -5.23 -8.14 15.84
N PHE C 31 -4.95 -9.41 15.57
CA PHE C 31 -3.57 -9.87 15.30
C PHE C 31 -3.54 -10.72 14.04
N LYS C 32 -2.34 -10.81 13.46
CA LYS C 32 -2.07 -11.59 12.24
C LYS C 32 -0.64 -12.10 12.33
N GLY C 33 -0.31 -13.04 11.45
CA GLY C 33 1.03 -13.63 11.34
C GLY C 33 0.94 -15.15 11.23
N PHE C 34 2.09 -15.77 11.02
CA PHE C 34 2.25 -17.24 10.99
C PHE C 34 1.50 -17.88 12.16
N CYS C 35 1.77 -17.44 13.40
CA CYS C 35 1.30 -18.11 14.64
C CYS C 35 -0.22 -17.98 14.70
N ILE C 36 -0.75 -16.82 14.37
CA ILE C 36 -2.23 -16.58 14.41
C ILE C 36 -2.88 -17.46 13.35
N ASP C 37 -2.26 -17.57 12.17
CA ASP C 37 -2.84 -18.36 11.06
C ASP C 37 -2.85 -19.84 11.44
N VAL C 38 -1.81 -20.32 12.12
CA VAL C 38 -1.78 -21.72 12.59
C VAL C 38 -2.90 -21.89 13.63
N PHE C 39 -3.03 -20.95 14.56
CA PHE C 39 -4.09 -21.02 15.59
C PHE C 39 -5.47 -21.08 14.90
N THR C 40 -5.70 -20.17 13.95
CA THR C 40 -6.96 -20.05 13.20
C THR C 40 -7.27 -21.36 12.47
N ALA C 41 -6.31 -21.90 11.71
CA ALA C 41 -6.46 -23.18 10.96
C ALA C 41 -6.80 -24.34 11.90
N ALA C 42 -6.22 -24.35 13.11
CA ALA C 42 -6.39 -25.41 14.14
C ALA C 42 -7.78 -25.33 14.75
N VAL C 43 -8.17 -24.14 15.20
CA VAL C 43 -9.54 -23.86 15.71
C VAL C 43 -10.57 -24.31 14.66
N ASN C 44 -10.38 -23.96 13.37
CA ASN C 44 -11.38 -24.25 12.30
C ASN C 44 -11.60 -25.76 12.18
N LEU C 45 -10.58 -26.58 12.44
CA LEU C 45 -10.70 -28.06 12.35
C LEU C 45 -11.47 -28.61 13.55
N LEU C 46 -11.76 -27.83 14.58
CA LEU C 46 -12.53 -28.35 15.73
C LEU C 46 -14.00 -28.41 15.30
N PRO C 47 -14.78 -29.33 15.90
CA PRO C 47 -16.20 -29.48 15.57
C PRO C 47 -17.15 -28.58 16.39
N TYR C 48 -16.60 -27.68 17.21
CA TYR C 48 -17.33 -26.66 18.00
C TYR C 48 -16.71 -25.28 17.74
N ALA C 49 -17.49 -24.22 17.97
CA ALA C 49 -17.04 -22.81 17.93
C ALA C 49 -16.12 -22.54 19.13
N VAL C 50 -15.14 -21.65 18.96
CA VAL C 50 -14.23 -21.16 20.04
C VAL C 50 -14.17 -19.64 19.92
N PRO C 51 -15.03 -18.89 20.63
CA PRO C 51 -15.00 -17.43 20.57
C PRO C 51 -13.80 -16.89 21.36
N VAL C 52 -12.97 -16.05 20.74
CA VAL C 52 -11.75 -15.52 21.41
C VAL C 52 -11.77 -14.00 21.38
N LYS C 53 -11.33 -13.38 22.46
CA LYS C 53 -10.89 -11.96 22.50
C LYS C 53 -9.37 -11.96 22.70
N PHE C 54 -8.61 -11.54 21.69
CA PHE C 54 -7.14 -11.36 21.81
C PHE C 54 -6.86 -10.15 22.69
N ILE C 55 -5.97 -10.30 23.66
CA ILE C 55 -5.54 -9.22 24.59
C ILE C 55 -4.04 -8.99 24.44
N PRO C 56 -3.62 -7.81 23.94
CA PRO C 56 -2.20 -7.54 23.76
C PRO C 56 -1.44 -7.56 25.09
N TYR C 57 -0.33 -8.31 25.14
CA TYR C 57 0.59 -8.39 26.31
C TYR C 57 1.95 -7.79 25.91
N GLY C 58 2.30 -6.67 26.52
CA GLY C 58 3.57 -5.94 26.34
C GLY C 58 3.29 -4.45 26.37
N ASN C 59 4.31 -3.63 26.57
CA ASN C 59 4.21 -2.15 26.69
C ASN C 59 4.33 -1.45 25.32
N GLY C 60 4.63 -2.19 24.25
CA GLY C 60 4.78 -1.65 22.89
C GLY C 60 6.14 -1.01 22.66
N LYS C 61 7.02 -1.00 23.67
CA LYS C 61 8.40 -0.47 23.52
C LYS C 61 9.36 -1.64 23.29
N GLU C 62 9.20 -2.71 24.07
CA GLU C 62 10.06 -3.92 24.04
C GLU C 62 9.20 -5.17 23.91
N ASN C 63 9.77 -6.27 23.37
CA ASN C 63 9.13 -7.60 23.45
C ASN C 63 8.93 -7.89 24.92
N PRO C 64 7.76 -8.46 25.30
CA PRO C 64 7.49 -8.80 26.69
C PRO C 64 8.27 -10.03 27.14
N SER C 65 8.42 -10.22 28.44
CA SER C 65 8.80 -11.51 29.07
C SER C 65 7.72 -12.55 28.73
N TYR C 66 8.06 -13.52 27.88
CA TYR C 66 7.11 -14.58 27.44
C TYR C 66 6.74 -15.48 28.62
N THR C 67 7.63 -15.61 29.61
CA THR C 67 7.33 -16.39 30.84
C THR C 67 6.29 -15.60 31.66
N HIS C 68 6.45 -14.30 31.81
CA HIS C 68 5.47 -13.47 32.58
C HIS C 68 4.11 -13.59 31.88
N MET C 69 4.09 -13.56 30.55
CA MET C 69 2.84 -13.62 29.76
C MET C 69 2.12 -14.93 30.06
N VAL C 70 2.83 -16.04 30.11
CA VAL C 70 2.22 -17.38 30.34
C VAL C 70 1.78 -17.47 31.81
N GLU C 71 2.50 -16.80 32.72
CA GLU C 71 2.18 -16.74 34.18
C GLU C 71 0.82 -16.06 34.39
N MET C 72 0.37 -15.26 33.43
CA MET C 72 -0.94 -14.56 33.48
C MET C 72 -2.05 -15.59 33.33
N ILE C 73 -1.79 -16.80 32.83
CA ILE C 73 -2.82 -17.89 32.82
C ILE C 73 -3.08 -18.33 34.27
N THR C 74 -2.02 -18.44 35.08
CA THR C 74 -2.08 -19.07 36.43
C THR C 74 -2.79 -18.14 37.41
N THR C 75 -2.84 -16.83 37.12
CA THR C 75 -3.54 -15.79 37.92
C THR C 75 -4.95 -15.54 37.35
N GLY C 76 -5.39 -16.28 36.33
CA GLY C 76 -6.76 -16.17 35.81
C GLY C 76 -6.99 -14.94 34.93
N ASN C 77 -5.98 -14.08 34.73
CA ASN C 77 -6.10 -12.90 33.81
C ASN C 77 -6.36 -13.36 32.37
N PHE C 78 -5.73 -14.44 31.92
CA PHE C 78 -5.93 -15.03 30.57
C PHE C 78 -6.46 -16.46 30.71
N ASP C 79 -7.26 -16.88 29.72
CA ASP C 79 -7.78 -18.26 29.58
C ASP C 79 -6.79 -19.08 28.75
N GLY C 80 -5.83 -18.42 28.11
CA GLY C 80 -4.81 -19.03 27.25
C GLY C 80 -3.94 -17.97 26.62
N VAL C 81 -2.82 -18.39 26.02
CA VAL C 81 -1.88 -17.49 25.29
C VAL C 81 -1.59 -18.12 23.92
N VAL C 82 -1.82 -17.33 22.86
CA VAL C 82 -1.49 -17.71 21.47
C VAL C 82 -0.35 -16.81 20.98
N GLY C 83 0.75 -17.43 20.54
CA GLY C 83 1.91 -16.71 19.96
C GLY C 83 3.12 -17.60 19.79
N ASP C 84 4.27 -16.98 19.52
CA ASP C 84 5.55 -17.66 19.24
C ASP C 84 6.17 -18.13 20.57
N VAL C 85 5.46 -18.97 21.34
CA VAL C 85 5.79 -19.26 22.77
C VAL C 85 6.53 -20.60 22.87
N ALA C 86 7.81 -20.57 23.25
CA ALA C 86 8.64 -21.78 23.41
C ALA C 86 8.06 -22.64 24.53
N ILE C 87 8.05 -23.95 24.31
CA ILE C 87 7.62 -24.97 25.30
C ILE C 87 8.85 -25.35 26.13
N VAL C 88 9.03 -24.70 27.29
CA VAL C 88 10.23 -24.86 28.16
C VAL C 88 9.75 -25.21 29.57
N THR C 89 10.57 -25.94 30.32
CA THR C 89 10.21 -26.63 31.58
C THR C 89 9.62 -25.63 32.58
N ASN C 90 10.19 -24.45 32.73
CA ASN C 90 9.70 -23.50 33.77
C ASN C 90 8.28 -23.02 33.41
N ARG C 91 7.81 -23.17 32.16
CA ARG C 91 6.40 -22.87 31.76
C ARG C 91 5.51 -24.12 31.83
N THR C 92 6.00 -25.29 31.44
CA THR C 92 5.19 -26.55 31.41
C THR C 92 4.86 -26.96 32.86
N LYS C 93 5.62 -26.44 33.82
CA LYS C 93 5.38 -26.67 35.27
C LYS C 93 4.13 -25.93 35.74
N ILE C 94 3.63 -24.93 35.01
CA ILE C 94 2.50 -24.08 35.51
C ILE C 94 1.30 -24.10 34.53
N VAL C 95 1.52 -24.39 33.25
CA VAL C 95 0.44 -24.41 32.22
C VAL C 95 0.65 -25.62 31.28
N ASP C 96 -0.42 -25.98 30.55
CA ASP C 96 -0.41 -27.05 29.52
C ASP C 96 -0.20 -26.39 28.15
N PHE C 97 0.74 -26.89 27.37
CA PHE C 97 0.96 -26.48 25.95
C PHE C 97 0.29 -27.51 25.05
N THR C 98 -0.17 -27.05 23.89
CA THR C 98 -0.49 -27.94 22.75
C THR C 98 0.78 -28.63 22.27
N GLN C 99 0.58 -29.68 21.48
CA GLN C 99 1.55 -30.19 20.46
C GLN C 99 2.24 -28.97 19.85
N PRO C 100 3.58 -28.89 19.85
CA PRO C 100 4.25 -27.78 19.18
C PRO C 100 3.87 -27.80 17.70
N TYR C 101 3.65 -26.63 17.12
CA TYR C 101 3.27 -26.42 15.70
C TYR C 101 4.45 -25.92 14.87
N ALA C 102 5.57 -25.59 15.51
CA ALA C 102 6.79 -25.10 14.85
C ALA C 102 8.00 -25.58 15.64
N ALA C 103 9.02 -26.06 14.92
CA ALA C 103 10.34 -26.40 15.51
C ALA C 103 11.09 -25.10 15.77
N SER C 104 11.86 -25.00 16.85
CA SER C 104 12.51 -23.72 17.25
C SER C 104 13.75 -23.91 18.13
N GLY C 105 14.76 -24.67 17.69
CA GLY C 105 16.03 -24.86 18.43
C GLY C 105 16.81 -23.56 18.62
N LEU C 106 17.51 -23.41 19.74
CA LEU C 106 18.54 -22.35 19.91
C LEU C 106 19.71 -22.62 18.94
N VAL C 107 20.20 -21.52 18.36
CA VAL C 107 21.41 -21.50 17.51
C VAL C 107 22.30 -20.36 17.98
N VAL C 108 23.55 -20.37 17.54
CA VAL C 108 24.54 -19.27 17.74
C VAL C 108 24.68 -18.61 16.38
N VAL C 109 24.49 -17.29 16.33
CA VAL C 109 24.76 -16.41 15.16
C VAL C 109 26.00 -15.58 15.46
N ALA C 110 26.92 -15.51 14.51
CA ALA C 110 28.16 -14.73 14.63
C ALA C 110 28.59 -14.29 13.23
N PRO C 111 29.61 -13.42 13.12
CA PRO C 111 30.29 -13.16 11.86
C PRO C 111 31.00 -14.46 11.48
N GLY C 112 31.27 -14.64 10.19
CA GLY C 112 31.90 -15.85 9.65
C GLY C 112 33.40 -15.86 9.94
N GLY C 113 33.92 -16.95 10.51
CA GLY C 113 35.36 -17.20 10.63
C GLY C 113 35.97 -16.46 11.81
N THR C 114 35.22 -16.29 12.90
CA THR C 114 35.75 -15.80 14.20
C THR C 114 36.07 -17.01 15.08
N PRO C 115 36.69 -16.80 16.26
CA PRO C 115 36.88 -17.89 17.19
C PRO C 115 35.58 -18.62 17.57
N ILE C 116 34.39 -18.01 17.34
CA ILE C 116 33.06 -18.59 17.70
C ILE C 116 32.62 -19.60 16.62
N LYS C 117 32.76 -20.90 16.92
CA LYS C 117 32.40 -22.03 16.02
C LYS C 117 31.01 -22.58 16.39
N GLY C 118 30.42 -22.14 17.50
CA GLY C 118 29.19 -22.74 18.06
C GLY C 118 29.11 -22.59 19.57
N ILE C 119 28.12 -23.26 20.17
CA ILE C 119 27.76 -23.00 21.60
C ILE C 119 28.94 -23.37 22.49
N GLU C 120 29.69 -24.42 22.15
CA GLU C 120 30.77 -24.92 23.04
C GLU C 120 31.91 -23.89 23.05
N SER C 121 32.30 -23.31 21.91
CA SER C 121 33.37 -22.28 21.85
C SER C 121 32.88 -21.05 22.62
N LEU C 122 31.58 -20.81 22.67
CA LEU C 122 31.01 -19.66 23.41
C LEU C 122 31.06 -19.88 24.93
N ARG C 123 30.93 -21.10 25.44
CA ARG C 123 30.91 -21.26 26.92
C ARG C 123 32.34 -21.35 27.45
N GLU C 124 33.30 -21.92 26.68
CA GLU C 124 34.76 -21.96 27.05
C GLU C 124 35.33 -20.54 27.22
N ARG C 125 34.83 -19.56 26.45
CA ARG C 125 35.33 -18.15 26.44
C ARG C 125 34.50 -17.35 27.45
N ASP C 126 34.78 -16.05 27.60
CA ASP C 126 34.07 -15.13 28.54
C ASP C 126 33.58 -13.89 27.77
N ASP C 127 33.51 -14.00 26.44
CA ASP C 127 32.94 -12.97 25.54
C ASP C 127 31.50 -12.67 25.91
N PRO C 128 30.99 -11.44 25.70
CA PRO C 128 29.57 -11.16 25.88
C PRO C 128 28.74 -11.85 24.78
N ILE C 129 27.52 -12.25 25.14
CA ILE C 129 26.57 -13.04 24.30
C ILE C 129 25.27 -12.27 24.24
N GLY C 130 24.81 -11.92 23.04
CA GLY C 130 23.47 -11.35 22.80
C GLY C 130 22.39 -12.42 22.96
N TYR C 131 21.23 -12.04 23.49
CA TYR C 131 19.97 -12.83 23.44
C TYR C 131 18.80 -11.89 23.21
N GLN C 132 17.64 -12.43 22.84
CA GLN C 132 16.44 -11.63 22.53
C GLN C 132 15.76 -11.23 23.85
N VAL C 133 15.46 -9.93 23.99
CA VAL C 133 14.63 -9.36 25.10
C VAL C 133 13.35 -10.19 25.29
N GLY C 134 13.15 -10.69 26.52
CA GLY C 134 11.96 -11.46 26.95
C GLY C 134 12.01 -12.96 26.64
N SER C 135 13.03 -13.43 25.91
CA SER C 135 13.21 -14.86 25.56
C SER C 135 13.52 -15.68 26.81
N PHE C 136 13.09 -16.93 26.85
CA PHE C 136 13.59 -17.96 27.79
C PHE C 136 15.10 -18.17 27.62
N ALA C 137 15.69 -17.74 26.49
CA ALA C 137 17.11 -17.98 26.14
C ALA C 137 18.00 -17.48 27.27
N GLU C 138 17.68 -16.31 27.83
CA GLU C 138 18.39 -15.69 28.98
C GLU C 138 18.59 -16.79 30.05
N SER C 139 17.49 -17.45 30.40
CA SER C 139 17.41 -18.40 31.53
C SER C 139 18.15 -19.70 31.17
N TYR C 140 17.97 -20.20 29.95
CA TYR C 140 18.70 -21.39 29.45
C TYR C 140 20.21 -21.14 29.56
N LEU C 141 20.68 -19.93 29.24
CA LEU C 141 22.13 -19.60 29.24
C LEU C 141 22.64 -19.62 30.69
N ARG C 142 21.91 -18.99 31.60
CA ARG C 142 22.27 -18.89 33.05
C ARG C 142 22.21 -20.27 33.72
N ASN C 143 21.08 -20.99 33.60
CA ASN C 143 20.83 -22.20 34.40
C ASN C 143 21.40 -23.42 33.68
N GLU C 144 20.86 -23.79 32.51
CA GLU C 144 21.26 -25.05 31.82
C GLU C 144 22.75 -25.01 31.46
N LEU C 145 23.27 -23.88 30.98
CA LEU C 145 24.66 -23.81 30.45
C LEU C 145 25.60 -23.08 31.43
N ASN C 146 25.09 -22.62 32.57
CA ASN C 146 25.91 -22.05 33.69
C ASN C 146 26.71 -20.86 33.18
N ILE C 147 26.19 -20.12 32.21
CA ILE C 147 26.85 -18.90 31.65
C ILE C 147 26.67 -17.78 32.68
N SER C 148 27.71 -16.98 32.88
CA SER C 148 27.78 -15.84 33.82
C SER C 148 26.75 -14.79 33.40
N GLU C 149 25.95 -14.27 34.34
CA GLU C 149 24.90 -13.26 34.07
C GLU C 149 25.58 -12.03 33.44
N SER C 150 26.78 -11.70 33.89
CA SER C 150 27.49 -10.45 33.50
C SER C 150 27.75 -10.46 31.99
N ARG C 151 27.83 -11.65 31.37
CA ARG C 151 28.14 -11.80 29.92
C ARG C 151 26.90 -11.60 29.06
N LEU C 152 25.69 -11.61 29.63
CA LEU C 152 24.45 -11.65 28.80
C LEU C 152 23.99 -10.21 28.47
N VAL C 153 23.76 -9.95 27.19
CA VAL C 153 23.37 -8.61 26.66
C VAL C 153 22.03 -8.72 25.94
N PRO C 154 20.94 -8.21 26.55
CA PRO C 154 19.63 -8.24 25.88
C PRO C 154 19.62 -7.33 24.64
N LEU C 155 19.04 -7.82 23.55
CA LEU C 155 18.91 -7.09 22.27
C LEU C 155 17.47 -7.19 21.80
N GLY C 156 16.88 -6.07 21.38
CA GLY C 156 15.43 -5.95 21.21
C GLY C 156 14.99 -6.18 19.79
N THR C 157 15.88 -5.91 18.82
CA THR C 157 15.52 -5.73 17.39
C THR C 157 16.59 -6.29 16.49
N PRO C 158 16.28 -6.62 15.22
CA PRO C 158 17.32 -7.03 14.28
C PRO C 158 18.42 -5.97 14.13
N GLU C 159 18.03 -4.70 14.10
CA GLU C 159 18.98 -3.56 14.05
C GLU C 159 20.00 -3.67 15.19
N ALA C 160 19.55 -3.96 16.41
CA ALA C 160 20.40 -4.04 17.62
C ALA C 160 21.26 -5.31 17.56
N TYR C 161 20.72 -6.41 17.02
CA TYR C 161 21.46 -7.66 16.73
C TYR C 161 22.66 -7.30 15.85
N ALA C 162 22.39 -6.67 14.69
CA ALA C 162 23.39 -6.30 13.65
C ALA C 162 24.43 -5.34 14.24
N LYS C 163 23.98 -4.29 14.93
CA LYS C 163 24.89 -3.30 15.57
C LYS C 163 25.79 -4.04 16.59
N ALA C 164 25.20 -4.88 17.44
CA ALA C 164 25.95 -5.56 18.53
C ALA C 164 27.02 -6.48 17.94
N LEU C 165 26.71 -7.20 16.85
CA LEU C 165 27.67 -8.10 16.16
C LEU C 165 28.76 -7.24 15.47
N LYS C 166 28.36 -6.14 14.82
CA LYS C 166 29.30 -5.28 14.08
C LYS C 166 30.31 -4.69 15.07
N ASP C 167 29.84 -4.01 16.12
CA ASP C 167 30.68 -3.37 17.17
C ASP C 167 31.56 -4.41 17.88
N GLY C 168 31.03 -5.60 18.16
CA GLY C 168 31.78 -6.71 18.79
C GLY C 168 32.03 -6.46 20.27
N PRO C 169 32.70 -7.39 20.98
CA PRO C 169 32.94 -7.24 22.41
C PRO C 169 33.71 -5.97 22.85
N SER C 170 34.63 -5.47 22.00
CA SER C 170 35.54 -4.32 22.26
C SER C 170 34.76 -3.01 22.39
N LYS C 171 33.67 -2.83 21.65
CA LYS C 171 32.89 -1.56 21.60
C LYS C 171 31.49 -1.76 22.18
N GLY C 172 31.36 -2.55 23.27
CA GLY C 172 30.08 -2.73 24.00
C GLY C 172 29.04 -3.49 23.19
N GLY C 173 29.46 -4.32 22.22
CA GLY C 173 28.61 -5.26 21.48
C GLY C 173 28.89 -6.69 21.93
N VAL C 174 28.74 -7.67 21.03
CA VAL C 174 28.77 -9.12 21.41
C VAL C 174 29.62 -9.92 20.40
N ALA C 175 30.15 -11.06 20.85
CA ALA C 175 30.90 -12.04 20.03
C ALA C 175 29.90 -12.81 19.15
N ALA C 176 28.71 -13.04 19.70
CA ALA C 176 27.65 -13.84 19.05
C ALA C 176 26.32 -13.61 19.78
N ILE C 177 25.22 -13.94 19.12
CA ILE C 177 23.84 -13.90 19.67
C ILE C 177 23.31 -15.34 19.75
N VAL C 178 22.66 -15.67 20.87
CA VAL C 178 21.92 -16.95 21.07
C VAL C 178 20.42 -16.64 20.99
N ASP C 179 19.73 -17.26 20.05
CA ASP C 179 18.27 -17.05 19.90
C ASP C 179 17.66 -18.26 19.17
N GLU C 180 16.34 -18.38 19.25
CA GLU C 180 15.59 -19.41 18.51
C GLU C 180 15.81 -19.21 17.01
N ARG C 181 15.94 -20.32 16.29
CA ARG C 181 16.29 -20.32 14.87
C ARG C 181 15.31 -19.45 14.08
N PRO C 182 13.98 -19.58 14.24
CA PRO C 182 13.06 -18.82 13.38
C PRO C 182 13.39 -17.32 13.29
N TYR C 183 13.70 -16.68 14.42
CA TYR C 183 14.05 -15.23 14.45
C TYR C 183 15.36 -15.04 13.67
N VAL C 184 16.34 -15.91 13.91
CA VAL C 184 17.70 -15.78 13.32
C VAL C 184 17.58 -15.87 11.79
N GLU C 185 16.67 -16.69 11.28
CA GLU C 185 16.45 -16.86 9.83
C GLU C 185 15.89 -15.56 9.24
N LEU C 186 14.96 -14.90 9.92
CA LEU C 186 14.48 -13.57 9.47
C LEU C 186 15.62 -12.54 9.53
N PHE C 187 16.41 -12.60 10.60
CA PHE C 187 17.53 -11.67 10.86
C PHE C 187 18.58 -11.81 9.75
N LEU C 188 18.89 -13.04 9.31
CA LEU C 188 19.91 -13.32 8.27
C LEU C 188 19.43 -12.93 6.86
N SER C 189 18.12 -13.00 6.57
CA SER C 189 17.49 -12.54 5.30
C SER C 189 17.78 -11.05 5.02
N SER C 190 18.02 -10.23 6.04
CA SER C 190 18.27 -8.78 5.91
C SER C 190 19.70 -8.40 6.27
N ASN C 191 20.53 -9.39 6.69
CA ASN C 191 21.84 -9.15 7.35
C ASN C 191 22.76 -10.30 6.95
N CYS C 192 23.06 -10.37 5.66
CA CYS C 192 23.65 -11.56 4.99
C CYS C 192 25.11 -11.77 5.41
N ALA C 193 25.75 -10.77 6.01
CA ALA C 193 27.12 -10.87 6.55
C ALA C 193 27.24 -11.95 7.64
N TYR C 194 26.20 -12.16 8.44
CA TYR C 194 26.28 -13.03 9.64
C TYR C 194 25.85 -14.44 9.23
N ARG C 195 26.12 -15.41 10.10
CA ARG C 195 25.96 -16.86 9.83
C ARG C 195 25.62 -17.55 11.14
N ILE C 196 24.73 -18.55 11.10
CA ILE C 196 24.61 -19.60 12.15
C ILE C 196 25.88 -20.43 12.11
N VAL C 197 26.55 -20.54 13.24
CA VAL C 197 27.77 -21.39 13.38
C VAL C 197 27.38 -22.57 14.25
N GLY C 198 27.78 -23.78 13.88
CA GLY C 198 27.47 -24.98 14.67
C GLY C 198 26.05 -25.42 14.41
N GLN C 199 25.48 -26.23 15.30
CA GLN C 199 24.17 -26.92 15.10
C GLN C 199 23.13 -26.28 16.03
N GLU C 200 21.82 -26.50 15.80
CA GLU C 200 20.77 -26.27 16.84
C GLU C 200 21.23 -27.07 18.06
N PHE C 201 21.22 -26.50 19.27
CA PHE C 201 21.69 -27.21 20.50
C PHE C 201 20.52 -27.47 21.47
N THR C 202 19.33 -26.97 21.15
CA THR C 202 18.08 -27.28 21.88
C THR C 202 17.08 -27.85 20.88
N LYS C 203 15.99 -28.43 21.35
CA LYS C 203 15.01 -29.01 20.41
C LYS C 203 13.60 -28.67 20.87
N SER C 204 13.34 -27.42 21.24
CA SER C 204 11.93 -27.18 21.59
C SER C 204 11.23 -26.46 20.45
N GLY C 205 9.92 -26.45 20.55
CA GLY C 205 9.13 -25.75 19.56
C GLY C 205 8.18 -24.80 20.22
N TRP C 206 7.36 -24.22 19.41
CA TRP C 206 6.32 -23.25 19.83
C TRP C 206 5.00 -24.00 19.98
N GLY C 207 4.24 -23.65 21.03
CA GLY C 207 2.92 -24.20 21.33
C GLY C 207 2.00 -23.14 21.88
N PHE C 208 0.69 -23.38 21.83
CA PHE C 208 -0.34 -22.49 22.42
C PHE C 208 -0.51 -22.98 23.85
N ALA C 209 -0.64 -22.03 24.79
CA ALA C 209 -0.63 -22.30 26.23
C ALA C 209 -2.05 -22.16 26.81
N PHE C 210 -2.45 -23.12 27.65
CA PHE C 210 -3.76 -23.16 28.36
C PHE C 210 -3.61 -23.61 29.83
N PRO C 211 -4.67 -23.44 30.67
CA PRO C 211 -4.61 -23.90 32.05
C PRO C 211 -4.36 -25.41 32.04
N ARG C 212 -3.76 -25.90 33.12
CA ARG C 212 -3.56 -27.35 33.40
C ARG C 212 -4.90 -28.07 33.21
N ASP C 213 -4.87 -29.14 32.40
CA ASP C 213 -5.99 -30.07 32.15
C ASP C 213 -7.02 -29.40 31.21
N SER C 214 -6.62 -28.35 30.48
CA SER C 214 -7.48 -27.71 29.44
C SER C 214 -7.89 -28.74 28.40
N PRO C 215 -9.20 -28.97 28.19
CA PRO C 215 -9.65 -29.86 27.12
C PRO C 215 -9.38 -29.27 25.74
N LEU C 216 -9.40 -27.94 25.64
CA LEU C 216 -9.18 -27.19 24.37
C LEU C 216 -7.73 -27.42 23.91
N ALA C 217 -6.77 -27.40 24.83
CA ALA C 217 -5.33 -27.67 24.55
C ALA C 217 -5.21 -29.03 23.87
N ILE C 218 -5.91 -30.02 24.41
CA ILE C 218 -5.86 -31.42 23.91
C ILE C 218 -6.40 -31.45 22.48
N ASP C 219 -7.60 -30.93 22.27
CA ASP C 219 -8.29 -30.98 20.95
C ASP C 219 -7.42 -30.24 19.93
N LEU C 220 -6.84 -29.10 20.33
CA LEU C 220 -6.00 -28.28 19.39
C LEU C 220 -4.76 -29.08 19.00
N SER C 221 -4.17 -29.82 19.94
CA SER C 221 -2.99 -30.69 19.71
C SER C 221 -3.31 -31.67 18.57
N THR C 222 -4.49 -32.26 18.57
CA THR C 222 -4.85 -33.24 17.50
C THR C 222 -5.13 -32.47 16.19
N ALA C 223 -5.75 -31.28 16.24
CA ALA C 223 -5.85 -30.39 15.06
C ALA C 223 -4.45 -30.12 14.46
N ILE C 224 -3.49 -29.77 15.33
CA ILE C 224 -2.11 -29.36 14.91
C ILE C 224 -1.42 -30.56 14.24
N LEU C 225 -1.51 -31.75 14.83
CA LEU C 225 -0.94 -32.98 14.23
C LEU C 225 -1.51 -33.11 12.80
N GLU C 226 -2.83 -32.91 12.61
CA GLU C 226 -3.49 -33.02 11.27
C GLU C 226 -2.84 -31.99 10.33
N LEU C 227 -2.77 -30.72 10.74
CA LEU C 227 -2.18 -29.65 9.89
C LEU C 227 -0.75 -30.06 9.49
N ALA C 228 0.00 -30.69 10.39
CA ALA C 228 1.39 -31.13 10.15
C ALA C 228 1.39 -32.18 9.03
N GLU C 229 0.56 -33.22 9.15
CA GLU C 229 0.53 -34.39 8.22
C GLU C 229 -0.03 -33.98 6.85
N ASN C 230 -1.03 -33.11 6.81
CA ASN C 230 -1.66 -32.66 5.54
C ASN C 230 -0.70 -31.70 4.83
N GLY C 231 0.28 -31.13 5.53
CA GLY C 231 1.25 -30.16 4.95
C GLY C 231 0.76 -28.71 5.01
N ASP C 232 -0.29 -28.44 5.79
CA ASP C 232 -0.86 -27.09 6.03
C ASP C 232 0.11 -26.20 6.83
N LEU C 233 0.90 -26.78 7.74
CA LEU C 233 1.90 -26.00 8.53
C LEU C 233 2.97 -25.44 7.59
N GLN C 234 3.44 -26.24 6.63
CA GLN C 234 4.45 -25.80 5.62
C GLN C 234 3.79 -24.72 4.72
N ARG C 235 2.55 -24.92 4.30
CA ARG C 235 1.79 -23.96 3.44
C ARG C 235 1.68 -22.60 4.14
N ILE C 236 1.28 -22.59 5.41
CA ILE C 236 1.13 -21.37 6.25
C ILE C 236 2.52 -20.76 6.52
N HIS C 237 3.55 -21.58 6.79
CA HIS C 237 4.95 -21.09 6.89
C HIS C 237 5.28 -20.33 5.59
N ASP C 238 5.04 -20.95 4.44
CA ASP C 238 5.45 -20.42 3.10
C ASP C 238 4.69 -19.13 2.79
N LYS C 239 3.48 -18.99 3.34
CA LYS C 239 2.64 -17.76 3.22
C LYS C 239 3.31 -16.56 3.93
N TRP C 240 4.08 -16.77 5.00
CA TRP C 240 4.55 -15.68 5.89
C TRP C 240 6.06 -15.46 5.81
N LEU C 241 6.83 -16.51 5.46
CA LEU C 241 8.28 -16.59 5.80
C LEU C 241 9.17 -16.91 4.58
N MET C 242 8.71 -16.65 3.35
CA MET C 242 9.55 -16.62 2.12
C MET C 242 11.04 -16.66 2.51
N CYS C 246 20.63 -14.80 -0.08
CA CYS C 246 21.92 -14.12 0.24
C CYS C 246 22.97 -14.54 -0.80
N GLU D 6 -42.11 23.59 -13.03
CA GLU D 6 -40.92 23.61 -12.09
C GLU D 6 -40.91 22.35 -11.22
N LEU D 7 -40.01 21.41 -11.48
CA LEU D 7 -40.00 20.09 -10.81
C LEU D 7 -39.49 20.24 -9.38
N LYS D 8 -40.26 19.73 -8.41
CA LYS D 8 -39.83 19.55 -7.00
C LYS D 8 -38.95 18.30 -6.93
N ILE D 9 -37.64 18.46 -6.76
CA ILE D 9 -36.66 17.34 -6.84
C ILE D 9 -36.09 17.08 -5.44
N GLY D 10 -36.43 15.93 -4.85
CA GLY D 10 -35.82 15.50 -3.58
C GLY D 10 -34.32 15.26 -3.74
N VAL D 11 -33.54 15.73 -2.77
CA VAL D 11 -32.08 15.53 -2.67
C VAL D 11 -31.78 15.08 -1.25
N PRO D 12 -31.06 13.98 -1.06
CA PRO D 12 -30.73 13.53 0.29
C PRO D 12 -29.82 14.57 0.98
N LEU D 13 -30.18 14.94 2.21
CA LEU D 13 -29.40 15.82 3.12
C LEU D 13 -28.34 14.95 3.82
N ARG D 14 -27.26 14.65 3.09
CA ARG D 14 -26.14 13.81 3.57
C ARG D 14 -25.44 14.55 4.73
N VAL D 15 -25.07 13.82 5.79
CA VAL D 15 -24.22 14.33 6.90
C VAL D 15 -22.78 13.85 6.74
N SER D 16 -22.50 12.98 5.77
CA SER D 16 -21.17 12.35 5.56
C SER D 16 -20.91 12.14 4.05
N TYR D 17 -19.64 11.98 3.66
CA TYR D 17 -19.28 11.75 2.24
C TYR D 17 -19.99 12.81 1.38
N LYS D 18 -19.89 14.07 1.80
CA LYS D 18 -20.63 15.21 1.19
C LYS D 18 -20.08 15.52 -0.21
N GLU D 19 -18.92 14.96 -0.57
CA GLU D 19 -18.37 15.15 -1.93
C GLU D 19 -19.38 14.67 -2.96
N PHE D 20 -20.24 13.70 -2.63
CA PHE D 20 -21.23 13.15 -3.59
C PHE D 20 -22.36 14.15 -3.80
N VAL D 21 -22.93 14.64 -2.70
CA VAL D 21 -24.08 15.58 -2.72
C VAL D 21 -24.24 16.14 -1.30
N SER D 22 -24.29 17.48 -1.18
CA SER D 22 -24.48 18.22 0.09
C SER D 22 -25.23 19.52 -0.19
N GLN D 23 -25.92 20.02 0.84
CA GLN D 23 -26.59 21.33 0.80
C GLN D 23 -25.50 22.40 0.88
N ILE D 24 -25.57 23.40 0.01
CA ILE D 24 -24.63 24.55 0.04
C ILE D 24 -24.94 25.36 1.30
N ARG D 25 -23.97 25.49 2.19
CA ARG D 25 -24.13 26.24 3.47
C ARG D 25 -24.68 27.63 3.10
N GLY D 26 -25.68 28.11 3.83
CA GLY D 26 -26.21 29.48 3.68
C GLY D 26 -27.29 29.54 2.62
N THR D 27 -27.82 28.36 2.26
CA THR D 27 -28.96 28.22 1.32
C THR D 27 -29.98 27.25 1.91
N GLU D 28 -31.24 27.36 1.46
CA GLU D 28 -32.31 26.36 1.79
C GLU D 28 -32.26 25.27 0.73
N ASN D 29 -32.19 25.66 -0.54
CA ASN D 29 -32.59 24.82 -1.70
C ASN D 29 -31.44 24.54 -2.66
N MET D 30 -30.20 24.82 -2.28
CA MET D 30 -29.07 24.72 -3.25
C MET D 30 -28.11 23.61 -2.80
N PHE D 31 -27.61 22.88 -3.79
CA PHE D 31 -26.83 21.65 -3.54
C PHE D 31 -25.65 21.65 -4.49
N LYS D 32 -24.58 20.99 -4.05
CA LYS D 32 -23.39 20.79 -4.89
C LYS D 32 -22.88 19.36 -4.69
N GLY D 33 -22.02 18.93 -5.61
CA GLY D 33 -21.24 17.68 -5.51
C GLY D 33 -21.15 16.95 -6.84
N PHE D 34 -20.47 15.82 -6.81
CA PHE D 34 -20.39 14.85 -7.92
C PHE D 34 -21.78 14.67 -8.56
N CYS D 35 -22.77 14.27 -7.76
CA CYS D 35 -24.11 13.84 -8.25
C CYS D 35 -24.83 15.05 -8.87
N ILE D 36 -24.74 16.22 -8.22
CA ILE D 36 -25.40 17.46 -8.72
C ILE D 36 -24.74 17.84 -10.04
N ASP D 37 -23.40 17.77 -10.14
CA ASP D 37 -22.65 18.13 -11.36
C ASP D 37 -23.04 17.18 -12.49
N VAL D 38 -23.18 15.89 -12.22
CA VAL D 38 -23.60 14.93 -13.28
C VAL D 38 -24.98 15.36 -13.77
N PHE D 39 -25.89 15.61 -12.85
CA PHE D 39 -27.30 15.97 -13.13
C PHE D 39 -27.33 17.22 -14.01
N THR D 40 -26.60 18.25 -13.57
CA THR D 40 -26.44 19.55 -14.26
C THR D 40 -25.90 19.32 -15.66
N ALA D 41 -24.81 18.58 -15.79
CA ALA D 41 -24.15 18.30 -17.08
C ALA D 41 -25.15 17.62 -18.03
N ALA D 42 -25.98 16.73 -17.49
CA ALA D 42 -26.98 15.94 -18.25
C ALA D 42 -28.12 16.84 -18.70
N VAL D 43 -28.68 17.62 -17.78
CA VAL D 43 -29.74 18.62 -18.11
C VAL D 43 -29.26 19.56 -19.21
N ASN D 44 -28.01 20.05 -19.17
CA ASN D 44 -27.47 21.04 -20.14
C ASN D 44 -27.47 20.41 -21.54
N LEU D 45 -27.36 19.09 -21.64
CA LEU D 45 -27.31 18.39 -22.95
C LEU D 45 -28.72 18.19 -23.52
N LEU D 46 -29.78 18.47 -22.75
CA LEU D 46 -31.18 18.42 -23.26
C LEU D 46 -31.45 19.64 -24.14
N PRO D 47 -32.33 19.47 -25.16
CA PRO D 47 -32.75 20.58 -26.02
C PRO D 47 -33.95 21.39 -25.51
N TYR D 48 -34.40 21.13 -24.28
CA TYR D 48 -35.43 21.94 -23.59
C TYR D 48 -34.90 22.30 -22.20
N ALA D 49 -35.48 23.33 -21.60
CA ALA D 49 -35.16 23.77 -20.23
C ALA D 49 -35.79 22.78 -19.25
N VAL D 50 -35.16 22.59 -18.08
CA VAL D 50 -35.74 21.81 -16.95
C VAL D 50 -35.61 22.65 -15.69
N PRO D 51 -36.63 23.48 -15.36
CA PRO D 51 -36.64 24.22 -14.09
C PRO D 51 -36.77 23.25 -12.91
N VAL D 52 -35.99 23.48 -11.87
CA VAL D 52 -35.88 22.55 -10.71
C VAL D 52 -35.93 23.34 -9.38
N LYS D 53 -36.64 22.83 -8.39
CA LYS D 53 -36.46 23.22 -6.98
C LYS D 53 -35.94 22.00 -6.21
N PHE D 54 -34.69 22.06 -5.76
CA PHE D 54 -34.08 21.01 -4.92
C PHE D 54 -34.69 21.16 -3.53
N ILE D 55 -35.23 20.07 -3.00
CA ILE D 55 -35.85 20.02 -1.65
C ILE D 55 -35.07 19.03 -0.79
N PRO D 56 -34.37 19.49 0.27
CA PRO D 56 -33.61 18.58 1.11
C PRO D 56 -34.55 17.52 1.67
N TYR D 57 -34.10 16.27 1.73
CA TYR D 57 -34.80 15.14 2.40
C TYR D 57 -33.88 14.63 3.51
N GLY D 58 -34.35 14.68 4.76
CA GLY D 58 -33.59 14.19 5.92
C GLY D 58 -33.66 15.15 7.09
N ASN D 59 -33.33 14.66 8.28
CA ASN D 59 -33.47 15.40 9.55
C ASN D 59 -32.21 16.22 9.86
N GLY D 60 -31.17 16.14 9.01
CA GLY D 60 -29.93 16.92 9.20
C GLY D 60 -29.01 16.33 10.28
N LYS D 61 -29.43 15.29 11.01
CA LYS D 61 -28.66 14.60 12.09
C LYS D 61 -27.98 13.33 11.54
N GLU D 62 -28.68 12.55 10.72
CA GLU D 62 -28.20 11.28 10.11
C GLU D 62 -28.61 11.24 8.62
N ASN D 63 -27.90 10.46 7.80
CA ASN D 63 -28.29 10.18 6.40
C ASN D 63 -29.71 9.65 6.43
N PRO D 64 -30.56 10.10 5.50
CA PRO D 64 -31.94 9.58 5.42
C PRO D 64 -32.02 8.14 4.89
N SER D 65 -33.18 7.48 5.07
CA SER D 65 -33.53 6.24 4.33
C SER D 65 -33.70 6.60 2.84
N TYR D 66 -32.79 6.12 1.99
CA TYR D 66 -32.80 6.43 0.55
C TYR D 66 -34.02 5.77 -0.11
N THR D 67 -34.46 4.61 0.41
CA THR D 67 -35.73 3.95 -0.04
C THR D 67 -36.93 4.86 0.31
N HIS D 68 -37.03 5.33 1.55
CA HIS D 68 -38.13 6.23 1.96
C HIS D 68 -38.08 7.48 1.09
N MET D 69 -36.89 7.99 0.78
CA MET D 69 -36.75 9.19 -0.08
C MET D 69 -37.41 8.94 -1.44
N VAL D 70 -37.15 7.79 -2.04
CA VAL D 70 -37.61 7.48 -3.42
C VAL D 70 -39.13 7.27 -3.36
N GLU D 71 -39.63 6.74 -2.23
CA GLU D 71 -41.07 6.49 -1.96
C GLU D 71 -41.86 7.80 -2.09
N MET D 72 -41.20 8.94 -1.82
CA MET D 72 -41.85 10.27 -1.87
C MET D 72 -42.19 10.64 -3.32
N ILE D 73 -41.68 9.92 -4.32
CA ILE D 73 -42.13 10.12 -5.74
C ILE D 73 -43.52 9.50 -5.87
N THR D 74 -43.74 8.34 -5.26
CA THR D 74 -44.96 7.52 -5.47
C THR D 74 -46.14 8.22 -4.80
N THR D 75 -45.90 8.97 -3.71
CA THR D 75 -46.93 9.72 -2.94
C THR D 75 -47.13 11.13 -3.52
N GLY D 76 -46.37 11.52 -4.54
CA GLY D 76 -46.53 12.82 -5.24
C GLY D 76 -45.87 14.00 -4.52
N ASN D 77 -45.22 13.81 -3.37
CA ASN D 77 -44.40 14.86 -2.71
C ASN D 77 -43.28 15.38 -3.65
N PHE D 78 -42.59 14.50 -4.38
CA PHE D 78 -41.48 14.88 -5.30
C PHE D 78 -41.85 14.45 -6.72
N ASP D 79 -41.35 15.20 -7.70
CA ASP D 79 -41.44 14.87 -9.15
C ASP D 79 -40.23 14.06 -9.59
N GLY D 80 -39.22 13.95 -8.72
CA GLY D 80 -37.98 13.17 -8.92
C GLY D 80 -37.04 13.30 -7.73
N VAL D 81 -36.02 12.43 -7.69
CA VAL D 81 -34.96 12.42 -6.64
C VAL D 81 -33.61 12.37 -7.35
N VAL D 82 -32.70 13.28 -6.97
CA VAL D 82 -31.34 13.46 -7.54
C VAL D 82 -30.34 13.33 -6.39
N GLY D 83 -29.41 12.39 -6.52
CA GLY D 83 -28.38 12.04 -5.52
C GLY D 83 -27.75 10.68 -5.78
N ASP D 84 -27.02 10.21 -4.79
CA ASP D 84 -26.20 8.98 -4.82
C ASP D 84 -27.14 7.78 -4.59
N VAL D 85 -28.15 7.61 -5.44
CA VAL D 85 -29.27 6.64 -5.20
C VAL D 85 -29.05 5.33 -5.97
N ALA D 86 -28.83 4.23 -5.24
CA ALA D 86 -28.65 2.88 -5.80
C ALA D 86 -29.92 2.44 -6.54
N ILE D 87 -29.75 1.90 -7.75
CA ILE D 87 -30.84 1.33 -8.57
C ILE D 87 -31.03 -0.13 -8.13
N VAL D 88 -31.89 -0.41 -7.14
CA VAL D 88 -32.08 -1.77 -6.56
C VAL D 88 -33.54 -2.17 -6.72
N THR D 89 -33.85 -3.47 -6.69
CA THR D 89 -35.16 -4.00 -7.21
C THR D 89 -36.34 -3.38 -6.44
N ASN D 90 -36.28 -3.25 -5.12
CA ASN D 90 -37.44 -2.77 -4.33
C ASN D 90 -37.75 -1.31 -4.71
N ARG D 91 -36.81 -0.56 -5.32
CA ARG D 91 -37.05 0.83 -5.80
C ARG D 91 -37.46 0.81 -7.28
N THR D 92 -36.91 -0.09 -8.09
CA THR D 92 -37.19 -0.13 -9.55
C THR D 92 -38.64 -0.61 -9.79
N LYS D 93 -39.21 -1.34 -8.83
CA LYS D 93 -40.64 -1.75 -8.82
C LYS D 93 -41.58 -0.54 -8.74
N ILE D 94 -41.19 0.58 -8.11
CA ILE D 94 -42.14 1.70 -7.83
C ILE D 94 -41.78 2.99 -8.60
N VAL D 95 -40.54 3.16 -9.03
CA VAL D 95 -40.08 4.36 -9.81
C VAL D 95 -39.15 3.90 -10.93
N ASP D 96 -38.98 4.74 -11.95
CA ASP D 96 -37.94 4.54 -12.98
C ASP D 96 -36.66 5.25 -12.53
N PHE D 97 -35.52 4.70 -12.90
CA PHE D 97 -34.19 5.36 -12.79
C PHE D 97 -33.66 5.67 -14.17
N THR D 98 -32.85 6.71 -14.28
CA THR D 98 -32.01 6.96 -15.47
C THR D 98 -31.01 5.81 -15.63
N GLN D 99 -30.42 5.70 -16.81
CA GLN D 99 -29.11 5.02 -17.01
C GLN D 99 -28.24 5.32 -15.78
N PRO D 100 -27.64 4.32 -15.11
CA PRO D 100 -26.69 4.59 -14.04
C PRO D 100 -25.53 5.44 -14.57
N TYR D 101 -25.11 6.43 -13.76
CA TYR D 101 -24.08 7.44 -14.10
C TYR D 101 -22.79 7.17 -13.33
N ALA D 102 -22.84 6.26 -12.37
CA ALA D 102 -21.72 5.83 -11.50
C ALA D 102 -21.93 4.37 -11.11
N ALA D 103 -20.89 3.56 -11.22
CA ALA D 103 -20.89 2.17 -10.72
C ALA D 103 -20.71 2.22 -9.21
N SER D 104 -21.46 1.41 -8.47
CA SER D 104 -21.31 1.35 -7.01
C SER D 104 -21.63 -0.03 -6.45
N GLY D 105 -20.93 -1.06 -6.89
CA GLY D 105 -21.08 -2.42 -6.35
C GLY D 105 -20.68 -2.47 -4.88
N LEU D 106 -21.37 -3.32 -4.10
CA LEU D 106 -21.03 -3.59 -2.68
C LEU D 106 -19.64 -4.21 -2.62
N VAL D 107 -18.84 -3.78 -1.64
CA VAL D 107 -17.51 -4.36 -1.30
C VAL D 107 -17.48 -4.58 0.21
N VAL D 108 -16.57 -5.43 0.65
CA VAL D 108 -16.25 -5.65 2.08
C VAL D 108 -14.98 -4.85 2.38
N VAL D 109 -15.01 -3.99 3.40
CA VAL D 109 -13.76 -3.34 3.88
C VAL D 109 -13.49 -3.85 5.30
N ALA D 110 -12.23 -4.15 5.57
CA ALA D 110 -11.74 -4.75 6.83
C ALA D 110 -10.29 -4.36 7.02
N PRO D 111 -9.69 -4.70 8.18
CA PRO D 111 -8.27 -4.57 8.35
C PRO D 111 -7.62 -5.62 7.45
N GLY D 112 -6.36 -5.41 7.06
CA GLY D 112 -5.57 -6.39 6.32
C GLY D 112 -5.19 -7.56 7.22
N GLY D 113 -5.43 -8.80 6.73
CA GLY D 113 -4.90 -10.06 7.32
C GLY D 113 -5.73 -10.60 8.46
N THR D 114 -7.03 -10.28 8.52
CA THR D 114 -8.00 -10.94 9.42
C THR D 114 -8.61 -12.12 8.69
N PRO D 115 -9.35 -13.01 9.39
CA PRO D 115 -10.14 -14.05 8.73
C PRO D 115 -11.12 -13.57 7.64
N ILE D 116 -11.46 -12.28 7.61
CA ILE D 116 -12.40 -11.70 6.58
C ILE D 116 -11.62 -11.48 5.28
N LYS D 117 -11.90 -12.34 4.30
CA LYS D 117 -11.23 -12.37 2.96
C LYS D 117 -12.19 -11.83 1.90
N GLY D 118 -13.43 -11.55 2.28
CA GLY D 118 -14.51 -11.19 1.34
C GLY D 118 -15.88 -11.53 1.91
N ILE D 119 -16.92 -11.41 1.08
CA ILE D 119 -18.34 -11.56 1.51
C ILE D 119 -18.63 -12.99 1.94
N GLU D 120 -18.06 -13.99 1.27
CA GLU D 120 -18.33 -15.42 1.62
C GLU D 120 -17.85 -15.70 3.04
N SER D 121 -16.63 -15.30 3.40
CA SER D 121 -16.05 -15.49 4.76
C SER D 121 -16.95 -14.82 5.79
N LEU D 122 -17.55 -13.69 5.43
CA LEU D 122 -18.36 -12.88 6.37
C LEU D 122 -19.66 -13.64 6.68
N ARG D 123 -20.24 -14.29 5.68
CA ARG D 123 -21.50 -15.07 5.80
C ARG D 123 -21.28 -16.31 6.68
N GLU D 124 -20.15 -17.01 6.49
CA GLU D 124 -19.81 -18.27 7.21
C GLU D 124 -19.56 -17.96 8.69
N ARG D 125 -19.19 -16.72 9.05
CA ARG D 125 -18.85 -16.35 10.46
C ARG D 125 -20.09 -15.72 11.09
N ASP D 126 -20.04 -15.35 12.37
CA ASP D 126 -21.17 -14.68 13.05
C ASP D 126 -20.69 -13.36 13.66
N ASP D 127 -19.56 -12.85 13.19
CA ASP D 127 -18.98 -11.52 13.51
C ASP D 127 -19.97 -10.41 13.18
N PRO D 128 -19.98 -9.27 13.92
CA PRO D 128 -20.79 -8.13 13.54
C PRO D 128 -20.29 -7.49 12.24
N ILE D 129 -21.22 -6.97 11.43
CA ILE D 129 -20.97 -6.32 10.10
C ILE D 129 -21.50 -4.88 10.15
N GLY D 130 -20.64 -3.90 9.85
CA GLY D 130 -21.07 -2.51 9.63
C GLY D 130 -21.76 -2.36 8.29
N TYR D 131 -22.70 -1.43 8.21
CA TYR D 131 -23.28 -0.88 6.94
C TYR D 131 -23.55 0.61 7.14
N GLN D 132 -23.79 1.33 6.05
CA GLN D 132 -24.02 2.80 6.11
C GLN D 132 -25.49 3.08 6.45
N VAL D 133 -25.73 3.94 7.44
CA VAL D 133 -27.08 4.43 7.85
C VAL D 133 -27.86 4.87 6.59
N GLY D 134 -29.02 4.28 6.36
CA GLY D 134 -29.97 4.71 5.32
C GLY D 134 -29.78 4.01 3.98
N SER D 135 -28.77 3.14 3.90
CA SER D 135 -28.41 2.36 2.69
C SER D 135 -29.41 1.19 2.50
N PHE D 136 -29.70 0.85 1.26
CA PHE D 136 -30.31 -0.44 0.86
C PHE D 136 -29.47 -1.61 1.35
N ALA D 137 -28.18 -1.43 1.61
CA ALA D 137 -27.22 -2.50 1.99
C ALA D 137 -27.74 -3.28 3.20
N GLU D 138 -28.36 -2.59 4.17
CA GLU D 138 -29.01 -3.21 5.36
C GLU D 138 -29.96 -4.33 4.88
N SER D 139 -30.77 -4.04 3.85
CA SER D 139 -31.84 -4.92 3.30
C SER D 139 -31.19 -6.05 2.46
N TYR D 140 -30.18 -5.72 1.67
CA TYR D 140 -29.43 -6.73 0.87
C TYR D 140 -28.80 -7.78 1.81
N LEU D 141 -28.28 -7.35 2.95
CA LEU D 141 -27.59 -8.28 3.87
C LEU D 141 -28.64 -9.22 4.50
N ARG D 142 -29.72 -8.68 5.05
CA ARG D 142 -30.80 -9.46 5.73
C ARG D 142 -31.50 -10.41 4.74
N ASN D 143 -31.94 -9.90 3.59
CA ASN D 143 -32.84 -10.64 2.67
C ASN D 143 -31.98 -11.46 1.72
N GLU D 144 -31.26 -10.83 0.80
CA GLU D 144 -30.55 -11.53 -0.31
C GLU D 144 -29.45 -12.43 0.25
N LEU D 145 -28.78 -12.08 1.36
CA LEU D 145 -27.63 -12.87 1.87
C LEU D 145 -28.01 -13.60 3.15
N ASN D 146 -29.23 -13.40 3.66
CA ASN D 146 -29.79 -14.17 4.81
C ASN D 146 -28.94 -13.99 6.07
N ILE D 147 -28.27 -12.85 6.23
CA ILE D 147 -27.48 -12.53 7.45
C ILE D 147 -28.46 -12.10 8.56
N SER D 148 -28.15 -12.50 9.79
CA SER D 148 -28.94 -12.21 11.02
C SER D 148 -28.96 -10.71 11.31
N GLU D 149 -30.15 -10.15 11.56
CA GLU D 149 -30.36 -8.74 11.95
C GLU D 149 -29.44 -8.35 13.11
N SER D 150 -29.18 -9.26 14.07
CA SER D 150 -28.44 -8.96 15.32
C SER D 150 -26.96 -8.67 15.02
N ARG D 151 -26.50 -9.07 13.83
CA ARG D 151 -25.09 -8.85 13.37
C ARG D 151 -24.90 -7.42 12.83
N LEU D 152 -25.97 -6.78 12.35
CA LEU D 152 -25.87 -5.55 11.54
C LEU D 152 -25.72 -4.31 12.44
N VAL D 153 -24.65 -3.55 12.25
CA VAL D 153 -24.32 -2.34 13.05
C VAL D 153 -24.37 -1.15 12.10
N PRO D 154 -25.36 -0.24 12.23
CA PRO D 154 -25.39 0.96 11.39
C PRO D 154 -24.30 1.98 11.77
N LEU D 155 -23.66 2.56 10.77
CA LEU D 155 -22.56 3.55 10.92
C LEU D 155 -22.87 4.76 10.01
N GLY D 156 -22.77 5.98 10.54
CA GLY D 156 -23.24 7.23 9.87
C GLY D 156 -22.16 7.98 9.10
N THR D 157 -20.89 7.78 9.45
CA THR D 157 -19.76 8.68 9.06
C THR D 157 -18.48 7.86 8.88
N PRO D 158 -17.50 8.36 8.11
CA PRO D 158 -16.20 7.68 8.02
C PRO D 158 -15.54 7.56 9.40
N GLU D 159 -15.68 8.58 10.27
CA GLU D 159 -15.20 8.56 11.68
C GLU D 159 -15.73 7.32 12.42
N ALA D 160 -17.02 7.04 12.26
CA ALA D 160 -17.73 5.89 12.87
C ALA D 160 -17.22 4.58 12.22
N TYR D 161 -16.96 4.59 10.90
CA TYR D 161 -16.41 3.42 10.16
C TYR D 161 -15.09 3.04 10.81
N ALA D 162 -14.20 4.02 10.92
CA ALA D 162 -12.82 3.87 11.43
C ALA D 162 -12.87 3.38 12.89
N LYS D 163 -13.76 3.95 13.71
CA LYS D 163 -13.82 3.58 15.15
C LYS D 163 -14.33 2.13 15.27
N ALA D 164 -15.37 1.77 14.52
CA ALA D 164 -15.96 0.41 14.57
C ALA D 164 -14.91 -0.63 14.14
N LEU D 165 -14.13 -0.35 13.09
CA LEU D 165 -13.09 -1.28 12.60
C LEU D 165 -11.94 -1.37 13.61
N LYS D 166 -11.65 -0.26 14.32
CA LYS D 166 -10.53 -0.15 15.30
C LYS D 166 -10.90 -0.90 16.57
N ASP D 167 -12.10 -0.66 17.10
CA ASP D 167 -12.61 -1.37 18.30
C ASP D 167 -12.73 -2.87 18.00
N GLY D 168 -13.21 -3.21 16.80
CA GLY D 168 -13.44 -4.60 16.37
C GLY D 168 -14.62 -5.26 17.10
N PRO D 169 -14.90 -6.55 16.78
CA PRO D 169 -16.07 -7.25 17.34
C PRO D 169 -16.11 -7.34 18.87
N SER D 170 -14.94 -7.57 19.49
CA SER D 170 -14.71 -7.74 20.95
C SER D 170 -15.07 -6.46 21.76
N LYS D 171 -14.95 -5.26 21.18
CA LYS D 171 -15.15 -3.96 21.89
C LYS D 171 -16.31 -3.15 21.28
N GLY D 172 -17.41 -3.82 20.90
CA GLY D 172 -18.63 -3.18 20.37
C GLY D 172 -18.43 -2.54 19.01
N GLY D 173 -17.41 -2.96 18.26
CA GLY D 173 -17.14 -2.51 16.88
C GLY D 173 -17.51 -3.61 15.93
N VAL D 174 -16.89 -3.67 14.74
CA VAL D 174 -17.22 -4.67 13.68
C VAL D 174 -15.94 -5.35 13.17
N ALA D 175 -16.11 -6.55 12.61
CA ALA D 175 -15.06 -7.30 11.89
C ALA D 175 -14.85 -6.68 10.52
N ALA D 176 -15.92 -6.12 9.92
CA ALA D 176 -15.87 -5.50 8.58
C ALA D 176 -17.10 -4.63 8.39
N ILE D 177 -17.07 -3.83 7.32
CA ILE D 177 -18.20 -2.98 6.86
C ILE D 177 -18.51 -3.41 5.43
N VAL D 178 -19.80 -3.47 5.10
CA VAL D 178 -20.33 -3.70 3.73
C VAL D 178 -20.94 -2.38 3.28
N ASP D 179 -20.44 -1.85 2.18
CA ASP D 179 -20.95 -0.57 1.64
C ASP D 179 -20.61 -0.45 0.15
N GLU D 180 -21.29 0.46 -0.54
CA GLU D 180 -21.08 0.70 -1.98
C GLU D 180 -19.68 1.26 -2.13
N ARG D 181 -19.01 0.85 -3.20
CA ARG D 181 -17.56 1.12 -3.41
C ARG D 181 -17.26 2.62 -3.32
N PRO D 182 -18.01 3.55 -3.96
CA PRO D 182 -17.67 4.98 -3.92
C PRO D 182 -17.41 5.49 -2.50
N TYR D 183 -18.29 5.19 -1.54
CA TYR D 183 -18.09 5.65 -0.13
C TYR D 183 -16.81 5.01 0.40
N VAL D 184 -16.60 3.73 0.11
CA VAL D 184 -15.46 2.95 0.68
C VAL D 184 -14.18 3.58 0.12
N GLU D 185 -14.17 3.98 -1.15
CA GLU D 185 -12.95 4.58 -1.79
C GLU D 185 -12.64 5.93 -1.13
N LEU D 186 -13.66 6.75 -0.81
CA LEU D 186 -13.45 8.02 -0.07
C LEU D 186 -12.86 7.71 1.30
N PHE D 187 -13.50 6.77 2.01
CA PHE D 187 -13.11 6.32 3.37
C PHE D 187 -11.62 5.92 3.39
N LEU D 188 -11.19 5.12 2.42
CA LEU D 188 -9.85 4.49 2.41
C LEU D 188 -8.80 5.55 2.01
N SER D 189 -9.17 6.56 1.22
CA SER D 189 -8.24 7.62 0.77
C SER D 189 -7.79 8.48 1.96
N SER D 190 -8.55 8.52 3.06
CA SER D 190 -8.16 9.20 4.33
C SER D 190 -7.66 8.20 5.36
N ASN D 191 -8.19 6.97 5.35
CA ASN D 191 -7.99 5.93 6.38
C ASN D 191 -7.33 4.73 5.70
N CYS D 192 -6.03 4.86 5.41
CA CYS D 192 -5.27 3.98 4.47
C CYS D 192 -4.85 2.66 5.16
N ALA D 193 -5.09 2.53 6.47
CA ALA D 193 -4.85 1.31 7.28
C ALA D 193 -5.74 0.17 6.82
N TYR D 194 -6.99 0.44 6.42
CA TYR D 194 -8.03 -0.58 6.12
C TYR D 194 -7.96 -0.92 4.64
N ARG D 195 -8.62 -1.98 4.19
CA ARG D 195 -8.49 -2.54 2.82
C ARG D 195 -9.83 -3.07 2.33
N ILE D 196 -10.16 -2.92 1.04
CA ILE D 196 -11.21 -3.74 0.39
C ILE D 196 -10.65 -5.16 0.29
N VAL D 197 -11.41 -6.15 0.72
CA VAL D 197 -11.00 -7.59 0.65
C VAL D 197 -12.07 -8.28 -0.19
N GLY D 198 -11.65 -9.12 -1.13
CA GLY D 198 -12.57 -9.72 -2.11
C GLY D 198 -12.87 -8.76 -3.25
N GLN D 199 -13.96 -9.01 -3.97
CA GLN D 199 -14.34 -8.28 -5.21
C GLN D 199 -15.65 -7.55 -4.95
N GLU D 200 -16.06 -6.65 -5.85
CA GLU D 200 -17.44 -6.14 -5.88
C GLU D 200 -18.35 -7.35 -6.05
N PHE D 201 -19.31 -7.57 -5.15
CA PHE D 201 -20.21 -8.75 -5.19
C PHE D 201 -21.62 -8.33 -5.64
N THR D 202 -21.86 -7.06 -5.95
CA THR D 202 -23.05 -6.63 -6.71
C THR D 202 -22.61 -5.75 -7.85
N LYS D 203 -23.55 -5.38 -8.74
CA LYS D 203 -23.33 -4.48 -9.90
C LYS D 203 -24.35 -3.35 -9.83
N SER D 204 -24.61 -2.93 -8.60
CA SER D 204 -25.40 -1.70 -8.29
C SER D 204 -24.77 -0.55 -9.07
N GLY D 205 -25.61 0.34 -9.62
CA GLY D 205 -25.20 1.68 -10.08
C GLY D 205 -26.03 2.74 -9.42
N TRP D 206 -25.64 4.00 -9.57
CA TRP D 206 -26.41 5.17 -9.06
C TRP D 206 -27.17 5.75 -10.24
N GLY D 207 -28.43 6.11 -10.00
CA GLY D 207 -29.28 6.78 -10.99
C GLY D 207 -30.11 7.86 -10.35
N PHE D 208 -30.64 8.75 -11.18
CA PHE D 208 -31.67 9.74 -10.79
C PHE D 208 -33.03 9.06 -10.95
N ALA D 209 -33.91 9.22 -9.97
CA ALA D 209 -35.23 8.55 -9.88
C ALA D 209 -36.37 9.51 -10.30
N PHE D 210 -37.31 8.99 -11.11
CA PHE D 210 -38.51 9.68 -11.64
C PHE D 210 -39.72 8.73 -11.62
N PRO D 211 -40.95 9.27 -11.74
CA PRO D 211 -42.13 8.40 -11.79
C PRO D 211 -42.00 7.43 -12.97
N ARG D 212 -42.67 6.27 -12.89
CA ARG D 212 -42.61 5.18 -13.91
C ARG D 212 -42.95 5.81 -15.26
N ASP D 213 -42.10 5.54 -16.25
CA ASP D 213 -42.30 5.89 -17.69
C ASP D 213 -42.07 7.39 -17.87
N SER D 214 -41.31 8.02 -16.97
CA SER D 214 -40.89 9.43 -17.08
C SER D 214 -40.13 9.62 -18.38
N PRO D 215 -40.59 10.54 -19.26
CA PRO D 215 -39.85 10.84 -20.48
C PRO D 215 -38.58 11.63 -20.16
N LEU D 216 -38.57 12.37 -19.03
CA LEU D 216 -37.39 13.12 -18.52
C LEU D 216 -36.25 12.12 -18.21
N ALA D 217 -36.57 11.08 -17.43
CA ALA D 217 -35.63 9.98 -17.10
C ALA D 217 -34.97 9.43 -18.37
N ILE D 218 -35.77 9.19 -19.42
CA ILE D 218 -35.30 8.60 -20.71
C ILE D 218 -34.31 9.57 -21.41
N ASP D 219 -34.65 10.85 -21.48
CA ASP D 219 -33.81 11.88 -22.16
C ASP D 219 -32.51 12.07 -21.39
N LEU D 220 -32.56 12.15 -20.06
CA LEU D 220 -31.35 12.25 -19.19
C LEU D 220 -30.49 11.00 -19.37
N SER D 221 -31.11 9.83 -19.45
CA SER D 221 -30.40 8.56 -19.71
C SER D 221 -29.52 8.69 -20.95
N THR D 222 -30.01 9.31 -22.03
CA THR D 222 -29.20 9.42 -23.27
C THR D 222 -28.11 10.46 -23.03
N ALA D 223 -28.43 11.53 -22.30
CA ALA D 223 -27.44 12.56 -21.92
C ALA D 223 -26.30 11.87 -21.13
N ILE D 224 -26.63 11.03 -20.15
CA ILE D 224 -25.63 10.35 -19.25
C ILE D 224 -24.70 9.45 -20.09
N LEU D 225 -25.22 8.78 -21.10
CA LEU D 225 -24.36 7.92 -21.95
C LEU D 225 -23.39 8.82 -22.72
N GLU D 226 -23.84 9.98 -23.22
CA GLU D 226 -22.95 10.92 -23.95
C GLU D 226 -21.85 11.41 -23.01
N LEU D 227 -22.19 11.74 -21.77
CA LEU D 227 -21.20 12.19 -20.76
C LEU D 227 -20.21 11.05 -20.54
N ALA D 228 -20.68 9.80 -20.54
CA ALA D 228 -19.82 8.62 -20.30
C ALA D 228 -18.81 8.49 -21.44
N GLU D 229 -19.29 8.54 -22.69
CA GLU D 229 -18.42 8.25 -23.85
C GLU D 229 -17.46 9.41 -24.12
N ASN D 230 -17.83 10.68 -23.85
CA ASN D 230 -16.91 11.82 -24.14
C ASN D 230 -15.98 12.04 -22.93
N GLY D 231 -16.15 11.29 -21.83
CA GLY D 231 -15.21 11.26 -20.68
C GLY D 231 -15.53 12.29 -19.60
N ASP D 232 -16.64 13.01 -19.76
CA ASP D 232 -17.10 14.06 -18.82
C ASP D 232 -17.39 13.44 -17.44
N LEU D 233 -17.93 12.23 -17.37
CA LEU D 233 -18.23 11.54 -16.08
C LEU D 233 -16.93 11.29 -15.31
N GLN D 234 -15.84 10.89 -15.98
CA GLN D 234 -14.51 10.73 -15.32
C GLN D 234 -14.02 12.11 -14.84
N ARG D 235 -14.09 13.14 -15.69
CA ARG D 235 -13.69 14.53 -15.36
C ARG D 235 -14.40 14.96 -14.07
N ILE D 236 -15.71 14.79 -14.01
CA ILE D 236 -16.55 15.23 -12.86
C ILE D 236 -16.18 14.37 -11.64
N HIS D 237 -15.95 13.08 -11.83
CA HIS D 237 -15.52 12.17 -10.75
C HIS D 237 -14.21 12.69 -10.14
N ASP D 238 -13.20 13.02 -10.98
CA ASP D 238 -11.85 13.42 -10.51
C ASP D 238 -11.92 14.80 -9.86
N LYS D 239 -12.80 15.69 -10.33
CA LYS D 239 -13.06 17.03 -9.74
C LYS D 239 -13.39 16.90 -8.23
N TRP D 240 -14.18 15.89 -7.83
CA TRP D 240 -14.82 15.80 -6.49
C TRP D 240 -14.17 14.72 -5.60
N LEU D 241 -13.61 13.65 -6.17
CA LEU D 241 -13.48 12.37 -5.41
C LEU D 241 -12.05 11.85 -5.34
N MET D 242 -11.04 12.60 -5.77
CA MET D 242 -9.64 12.09 -5.75
C MET D 242 -8.71 13.07 -5.03
N LYS D 243 -9.22 14.01 -4.20
CA LYS D 243 -8.35 15.06 -3.59
C LYS D 243 -7.69 14.53 -2.32
N ASN D 244 -8.38 13.69 -1.55
CA ASN D 244 -7.98 13.33 -0.17
C ASN D 244 -6.61 12.62 -0.21
N ALA D 245 -5.74 12.97 0.73
CA ALA D 245 -4.51 12.21 1.07
C ALA D 245 -4.71 11.53 2.42
N CYS D 246 -3.89 10.51 2.71
CA CYS D 246 -3.96 9.68 3.94
C CYS D 246 -3.76 10.54 5.18
N THR D 247 -4.58 10.41 6.22
CA THR D 247 -4.40 11.19 7.46
C THR D 247 -4.20 10.25 8.64
#